data_6U1E
#
_entry.id   6U1E
#
_cell.length_a   95.433
_cell.length_b   95.433
_cell.length_c   193.461
_cell.angle_alpha   90.000
_cell.angle_beta   90.000
_cell.angle_gamma   90.000
#
_symmetry.space_group_name_H-M   'P 41 21 2'
#
loop_
_entity.id
_entity.type
_entity.pdbx_description
1 polymer 'D-alanine--D-alanine ligase'
2 non-polymer D-ALANINE
3 non-polymer 'MAGNESIUM ION'
4 non-polymer 'RUBIDIUM ION'
5 non-polymer "ADENOSINE-5'-TRIPHOSPHATE"
6 water water
#
_entity_poly.entity_id   1
_entity_poly.type   'polypeptide(L)'
_entity_poly.pdbx_seq_one_letter_code
;MEMRVLLIAGGVSPEHEVSLLSAEGVLRHIPFPTDLAVIAQDGRWLLGEKALTALEAKAAPEGEHPFPPPLSWERYDVVF
PLLHGRFGEDGTVQGFLELLGKPYVGAGVAASALCMDKDLSKRVLAQAGVPVVPWVAVRKGEPPVVPFDPPFFVKPANTG
SSVGISRVERFQDLEAALALAFRYDEKAVVEKALSPVRELEVGVLGNVFGEASPVGEVRYEAPFYDYETKYTPGRAELLI
PAPLDPGTQETVQELALKAYKVLGVRGMARVDFFLAEGELYLNELNTIPGFTPTSMYPRLFEAGGVAYPELLRRLVELAL
THHHHHH
;
_entity_poly.pdbx_strand_id   A,B
#
loop_
_chem_comp.id
_chem_comp.type
_chem_comp.name
_chem_comp.formula
ATP non-polymer ADENOSINE-5'-TRIPHOSPHATE 'C10 H16 N5 O13 P3'
MG non-polymer 'MAGNESIUM ION' 'Mg 2'
RB non-polymer 'RUBIDIUM ION' 'Rb 1'
#
# COMPACT_ATOMS: atom_id res chain seq x y z
N GLU A 2 -13.14 25.20 15.65
CA GLU A 2 -14.10 24.80 14.64
C GLU A 2 -13.77 23.41 14.11
N MET A 3 -14.78 22.54 14.05
CA MET A 3 -14.55 21.16 13.62
C MET A 3 -15.87 20.56 13.13
N ARG A 4 -15.93 20.21 11.85
CA ARG A 4 -17.03 19.47 11.28
C ARG A 4 -16.49 18.23 10.60
N VAL A 5 -17.03 17.06 10.98
CA VAL A 5 -16.51 15.77 10.54
C VAL A 5 -17.46 15.18 9.51
N LEU A 6 -16.89 14.58 8.46
CA LEU A 6 -17.66 13.81 7.49
C LEU A 6 -17.38 12.32 7.73
N LEU A 7 -18.42 11.58 8.08
CA LEU A 7 -18.32 10.14 8.33
C LEU A 7 -18.77 9.38 7.10
N ILE A 8 -17.93 8.49 6.59
CA ILE A 8 -18.22 7.67 5.43
C ILE A 8 -18.35 6.22 5.89
N ALA A 9 -19.49 5.60 5.58
CA ALA A 9 -19.76 4.24 6.02
C ALA A 9 -20.46 3.48 4.90
N GLY A 10 -20.59 2.17 5.10
CA GLY A 10 -21.16 1.30 4.09
C GLY A 10 -20.11 0.56 3.31
N GLY A 11 -20.02 0.84 2.01
CA GLY A 11 -18.99 0.28 1.16
C GLY A 11 -19.48 -0.93 0.36
N VAL A 12 -18.59 -1.38 -0.52
CA VAL A 12 -18.90 -2.52 -1.41
C VAL A 12 -18.37 -3.84 -0.88
N SER A 13 -17.61 -3.83 0.21
CA SER A 13 -17.08 -5.07 0.77
C SER A 13 -18.19 -5.89 1.42
N PRO A 14 -17.92 -7.17 1.70
CA PRO A 14 -18.92 -7.97 2.44
C PRO A 14 -19.23 -7.42 3.83
N GLU A 15 -18.36 -6.57 4.40
CA GLU A 15 -18.60 -5.92 5.68
C GLU A 15 -19.46 -4.68 5.56
N HIS A 16 -20.32 -4.59 4.53
CA HIS A 16 -21.16 -3.41 4.33
C HIS A 16 -22.05 -3.16 5.54
N GLU A 17 -22.78 -4.18 5.98
CA GLU A 17 -23.70 -4.00 7.10
C GLU A 17 -22.96 -3.71 8.39
N VAL A 18 -21.82 -4.35 8.60
CA VAL A 18 -21.01 -4.09 9.79
C VAL A 18 -20.59 -2.63 9.83
N SER A 19 -20.23 -2.06 8.66
CA SER A 19 -19.79 -0.68 8.62
C SER A 19 -20.89 0.28 9.06
N LEU A 20 -22.14 0.03 8.63
CA LEU A 20 -23.24 0.89 9.04
C LEU A 20 -23.49 0.78 10.54
N LEU A 21 -23.32 -0.41 11.11
CA LEU A 21 -23.41 -0.56 12.56
C LEU A 21 -22.30 0.21 13.26
N SER A 22 -21.10 0.19 12.69
CA SER A 22 -20.01 0.98 13.27
C SER A 22 -20.34 2.48 13.22
N ALA A 23 -20.98 2.92 12.14
CA ALA A 23 -21.37 4.32 12.04
C ALA A 23 -22.36 4.71 13.12
N GLU A 24 -23.28 3.80 13.45
CA GLU A 24 -24.23 4.04 14.53
C GLU A 24 -23.51 4.30 15.84
N GLY A 25 -22.46 3.52 16.13
CA GLY A 25 -21.73 3.71 17.38
C GLY A 25 -20.93 5.00 17.39
N VAL A 26 -20.34 5.37 16.25
CA VAL A 26 -19.52 6.57 16.18
C VAL A 26 -20.39 7.82 16.29
N LEU A 27 -21.50 7.84 15.53
CA LEU A 27 -22.40 9.00 15.58
C LEU A 27 -22.99 9.20 16.95
N ARG A 28 -23.11 8.14 17.74
CA ARG A 28 -23.73 8.25 19.06
C ARG A 28 -22.79 8.88 20.08
N HIS A 29 -21.47 8.76 19.88
CA HIS A 29 -20.51 9.25 20.87
C HIS A 29 -19.58 10.33 20.37
N ILE A 30 -19.55 10.64 19.09
CA ILE A 30 -18.56 11.59 18.58
C ILE A 30 -18.88 12.99 19.10
N PRO A 31 -17.91 13.73 19.64
CA PRO A 31 -18.21 15.03 20.25
C PRO A 31 -18.25 16.20 19.27
N PHE A 32 -18.12 15.96 17.97
CA PHE A 32 -18.13 17.01 16.98
C PHE A 32 -19.39 16.94 16.12
N PRO A 33 -19.79 18.05 15.51
CA PRO A 33 -20.84 17.97 14.47
C PRO A 33 -20.37 17.10 13.33
N THR A 34 -21.21 16.12 12.96
CA THR A 34 -20.81 15.08 12.02
C THR A 34 -21.93 14.80 11.04
N ASP A 35 -21.61 14.84 9.75
CA ASP A 35 -22.53 14.43 8.70
C ASP A 35 -22.14 13.05 8.19
N LEU A 36 -23.14 12.30 7.74
CA LEU A 36 -22.95 10.93 7.28
C LEU A 36 -23.06 10.87 5.76
N ALA A 37 -22.10 10.20 5.13
CA ALA A 37 -22.17 9.83 3.72
C ALA A 37 -22.07 8.32 3.63
N VAL A 38 -22.98 7.70 2.87
CA VAL A 38 -23.07 6.25 2.79
C VAL A 38 -22.68 5.82 1.39
N ILE A 39 -21.78 4.85 1.29
CA ILE A 39 -21.48 4.17 0.04
C ILE A 39 -22.34 2.92 -0.02
N ALA A 40 -23.23 2.86 -1.00
CA ALA A 40 -24.10 1.70 -1.15
C ALA A 40 -23.31 0.52 -1.71
N GLN A 41 -23.94 -0.66 -1.65
CA GLN A 41 -23.28 -1.88 -2.10
C GLN A 41 -23.00 -1.88 -3.59
N ASP A 42 -23.66 -1.04 -4.37
CA ASP A 42 -23.40 -0.92 -5.79
C ASP A 42 -22.31 0.09 -6.12
N GLY A 43 -21.72 0.72 -5.10
CA GLY A 43 -20.68 1.70 -5.31
C GLY A 43 -21.14 3.14 -5.39
N ARG A 44 -22.45 3.36 -5.51
CA ARG A 44 -23.00 4.71 -5.58
C ARG A 44 -23.22 5.28 -4.20
N TRP A 45 -23.07 6.60 -4.09
CA TRP A 45 -23.07 7.29 -2.81
C TRP A 45 -24.46 7.82 -2.47
N LEU A 46 -24.75 7.88 -1.17
CA LEU A 46 -25.97 8.47 -0.63
C LEU A 46 -25.58 9.59 0.32
N LEU A 47 -26.16 10.76 0.13
CA LEU A 47 -25.82 11.94 0.91
C LEU A 47 -27.05 12.48 1.62
N GLY A 48 -26.80 13.28 2.66
CA GLY A 48 -27.88 13.98 3.32
C GLY A 48 -28.84 13.02 4.01
N GLU A 49 -30.14 13.27 3.81
CA GLU A 49 -31.17 12.45 4.47
C GLU A 49 -31.23 11.04 3.90
N LYS A 50 -30.83 10.86 2.64
CA LYS A 50 -30.78 9.50 2.09
C LYS A 50 -29.73 8.65 2.81
N ALA A 51 -28.64 9.27 3.27
CA ALA A 51 -27.65 8.53 4.04
C ALA A 51 -28.18 8.14 5.41
N LEU A 52 -28.86 9.07 6.09
CA LEU A 52 -29.44 8.74 7.39
C LEU A 52 -30.59 7.75 7.26
N THR A 53 -31.32 7.78 6.14
CA THR A 53 -32.35 6.78 5.91
C THR A 53 -31.73 5.40 5.70
N ALA A 54 -30.66 5.32 4.90
CA ALA A 54 -29.97 4.05 4.71
C ALA A 54 -29.38 3.53 6.02
N LEU A 55 -28.95 4.44 6.90
CA LEU A 55 -28.43 4.01 8.20
C LEU A 55 -29.51 3.36 9.04
N GLU A 56 -30.73 3.91 9.00
CA GLU A 56 -31.84 3.32 9.75
C GLU A 56 -32.21 1.95 9.23
N ALA A 57 -32.11 1.74 7.91
CA ALA A 57 -32.40 0.45 7.31
C ALA A 57 -31.29 -0.57 7.53
N LYS A 58 -30.13 -0.15 8.04
CA LYS A 58 -28.99 -1.01 8.32
C LYS A 58 -28.42 -1.68 7.07
N ALA A 59 -28.85 -1.24 5.88
CA ALA A 59 -28.34 -1.78 4.62
C ALA A 59 -28.73 -0.83 3.50
N ALA A 60 -27.81 -0.62 2.55
CA ALA A 60 -28.03 0.24 1.40
C ALA A 60 -27.63 -0.51 0.15
N PRO A 61 -28.55 -1.28 -0.45
CA PRO A 61 -28.18 -2.04 -1.66
C PRO A 61 -27.83 -1.16 -2.84
N GLU A 62 -28.51 -0.02 -3.02
CA GLU A 62 -28.31 0.84 -4.16
C GLU A 62 -28.21 2.29 -3.71
N GLY A 63 -27.37 3.05 -4.43
CA GLY A 63 -27.15 4.44 -4.10
C GLY A 63 -27.58 5.37 -5.22
N GLU A 64 -27.28 6.67 -5.07
CA GLU A 64 -27.69 7.69 -6.03
C GLU A 64 -26.53 8.20 -6.87
N HIS A 65 -25.47 8.69 -6.24
CA HIS A 65 -24.42 9.40 -6.94
C HIS A 65 -23.27 8.47 -7.28
N PRO A 66 -22.90 8.33 -8.55
CA PRO A 66 -21.70 7.56 -8.88
C PRO A 66 -20.44 8.30 -8.46
N PHE A 67 -19.38 7.52 -8.25
CA PHE A 67 -18.12 8.09 -7.81
C PHE A 67 -17.46 8.88 -8.94
N PRO A 68 -16.88 10.06 -8.65
CA PRO A 68 -16.86 10.70 -7.34
C PRO A 68 -18.15 11.49 -7.06
N PRO A 69 -18.57 11.54 -5.80
CA PRO A 69 -19.87 12.13 -5.48
C PRO A 69 -19.82 13.65 -5.51
N PRO A 70 -20.94 14.31 -5.82
CA PRO A 70 -21.01 15.77 -5.73
C PRO A 70 -21.09 16.26 -4.28
N LEU A 71 -20.09 15.88 -3.49
CA LEU A 71 -20.06 16.19 -2.07
C LEU A 71 -19.34 17.51 -1.84
N SER A 72 -19.90 18.34 -0.96
CA SER A 72 -19.31 19.63 -0.61
C SER A 72 -18.17 19.38 0.38
N TRP A 73 -17.01 18.99 -0.17
CA TRP A 73 -15.88 18.61 0.66
C TRP A 73 -15.36 19.78 1.50
N GLU A 74 -15.49 21.01 0.98
CA GLU A 74 -14.94 22.17 1.68
C GLU A 74 -15.65 22.43 3.01
N ARG A 75 -16.85 21.89 3.20
CA ARG A 75 -17.59 22.12 4.43
C ARG A 75 -17.10 21.30 5.61
N TYR A 76 -16.14 20.39 5.39
CA TYR A 76 -15.68 19.48 6.43
C TYR A 76 -14.18 19.67 6.67
N ASP A 77 -13.77 19.54 7.93
CA ASP A 77 -12.38 19.69 8.31
C ASP A 77 -11.64 18.36 8.45
N VAL A 78 -12.35 17.29 8.79
CA VAL A 78 -11.76 15.96 8.92
C VAL A 78 -12.74 14.95 8.32
N VAL A 79 -12.22 14.00 7.55
CA VAL A 79 -13.00 12.91 7.00
C VAL A 79 -12.71 11.66 7.79
N PHE A 80 -13.76 10.94 8.20
CA PHE A 80 -13.65 9.72 9.00
C PHE A 80 -14.11 8.55 8.16
N PRO A 81 -13.20 7.87 7.45
CA PRO A 81 -13.58 6.67 6.69
C PRO A 81 -13.84 5.50 7.63
N LEU A 82 -15.07 5.00 7.63
CA LEU A 82 -15.47 3.88 8.46
C LEU A 82 -15.89 2.70 7.58
N LEU A 83 -15.13 2.46 6.51
CA LEU A 83 -15.45 1.45 5.51
C LEU A 83 -14.57 0.23 5.75
N HIS A 84 -15.13 -0.80 6.37
CA HIS A 84 -14.39 -2.02 6.65
C HIS A 84 -14.19 -2.85 5.40
N GLY A 85 -12.97 -3.38 5.23
CA GLY A 85 -12.71 -4.33 4.17
C GLY A 85 -12.27 -3.69 2.88
N ARG A 86 -12.49 -4.46 1.80
CA ARG A 86 -12.01 -4.07 0.48
C ARG A 86 -12.63 -2.76 0.02
N PHE A 87 -11.83 -1.94 -0.66
CA PHE A 87 -12.25 -0.64 -1.19
C PHE A 87 -12.72 0.30 -0.07
N GLY A 88 -12.02 0.25 1.07
CA GLY A 88 -12.32 1.14 2.17
C GLY A 88 -11.24 1.12 3.23
N GLU A 89 -10.76 -0.08 3.55
CA GLU A 89 -9.72 -0.27 4.55
C GLU A 89 -8.37 -0.61 3.93
N ASP A 90 -8.30 -0.74 2.61
CA ASP A 90 -7.13 -1.28 1.93
C ASP A 90 -6.32 -0.22 1.18
N GLY A 91 -6.56 1.06 1.43
CA GLY A 91 -5.78 2.12 0.83
C GLY A 91 -6.42 2.80 -0.36
N THR A 92 -7.46 2.21 -0.95
CA THR A 92 -8.07 2.81 -2.12
C THR A 92 -8.76 4.13 -1.79
N VAL A 93 -9.66 4.11 -0.80
CA VAL A 93 -10.33 5.35 -0.38
C VAL A 93 -9.31 6.31 0.21
N GLN A 94 -8.31 5.79 0.93
CA GLN A 94 -7.27 6.65 1.47
C GLN A 94 -6.52 7.37 0.37
N GLY A 95 -6.27 6.70 -0.75
CA GLY A 95 -5.61 7.35 -1.87
C GLY A 95 -6.43 8.49 -2.44
N PHE A 96 -7.75 8.33 -2.49
CA PHE A 96 -8.62 9.40 -2.94
C PHE A 96 -8.58 10.59 -1.99
N LEU A 97 -8.59 10.31 -0.68
CA LEU A 97 -8.57 11.39 0.30
C LEU A 97 -7.23 12.11 0.33
N GLU A 98 -6.14 11.42 -0.04
CA GLU A 98 -4.84 12.08 -0.13
C GLU A 98 -4.84 13.12 -1.24
N LEU A 99 -5.27 12.73 -2.44
CA LEU A 99 -5.35 13.68 -3.55
C LEU A 99 -6.37 14.78 -3.27
N LEU A 100 -7.36 14.49 -2.44
CA LEU A 100 -8.37 15.48 -2.09
C LEU A 100 -7.79 16.56 -1.18
N GLY A 101 -6.72 16.25 -0.45
CA GLY A 101 -6.12 17.20 0.48
C GLY A 101 -6.79 17.28 1.84
N LYS A 102 -7.80 16.48 2.10
CA LYS A 102 -8.49 16.56 3.38
C LYS A 102 -7.78 15.70 4.43
N PRO A 103 -7.67 16.19 5.66
CA PRO A 103 -7.22 15.32 6.75
C PRO A 103 -8.23 14.21 6.98
N TYR A 104 -7.72 13.01 7.23
CA TYR A 104 -8.62 11.86 7.41
C TYR A 104 -8.10 10.96 8.51
N VAL A 105 -9.05 10.31 9.19
CA VAL A 105 -8.76 9.44 10.31
C VAL A 105 -8.21 8.11 9.81
N GLY A 106 -7.20 7.59 10.49
CA GLY A 106 -6.74 6.24 10.26
C GLY A 106 -5.43 6.19 9.48
N ALA A 107 -5.08 4.96 9.11
CA ALA A 107 -3.80 4.70 8.46
C ALA A 107 -3.81 5.23 7.03
N GLY A 108 -2.60 5.53 6.54
CA GLY A 108 -2.43 5.99 5.18
C GLY A 108 -2.55 4.86 4.17
N VAL A 109 -2.17 5.17 2.93
CA VAL A 109 -2.34 4.22 1.83
C VAL A 109 -1.51 2.97 2.07
N ALA A 110 -0.22 3.13 2.37
CA ALA A 110 0.68 1.98 2.48
C ALA A 110 0.29 1.09 3.66
N ALA A 111 0.07 1.69 4.83
CA ALA A 111 -0.28 0.90 6.01
C ALA A 111 -1.63 0.22 5.85
N SER A 112 -2.61 0.89 5.22
CA SER A 112 -3.90 0.28 5.00
C SER A 112 -3.82 -0.91 4.06
N ALA A 113 -3.05 -0.77 2.98
CA ALA A 113 -2.95 -1.86 2.01
C ALA A 113 -2.23 -3.07 2.60
N LEU A 114 -1.17 -2.83 3.38
CA LEU A 114 -0.41 -3.95 3.93
C LEU A 114 -1.17 -4.67 5.03
N CYS A 115 -1.83 -3.93 5.92
CA CYS A 115 -2.54 -4.56 7.02
C CYS A 115 -3.78 -5.32 6.55
N MET A 116 -4.33 -4.95 5.38
CA MET A 116 -5.48 -5.67 4.84
C MET A 116 -5.09 -6.95 4.11
N ASP A 117 -3.83 -7.10 3.70
CA ASP A 117 -3.36 -8.31 3.03
C ASP A 117 -2.73 -9.21 4.07
N LYS A 118 -3.44 -10.29 4.42
CA LYS A 118 -2.94 -11.20 5.45
C LYS A 118 -1.63 -11.86 5.06
N ASP A 119 -1.37 -12.03 3.76
CA ASP A 119 -0.11 -12.59 3.33
C ASP A 119 1.02 -11.57 3.42
N LEU A 120 0.82 -10.37 2.88
CA LEU A 120 1.87 -9.36 2.88
C LEU A 120 2.20 -8.91 4.30
N SER A 121 1.18 -8.74 5.16
CA SER A 121 1.44 -8.30 6.52
C SER A 121 2.25 -9.34 7.28
N LYS A 122 1.95 -10.62 7.10
CA LYS A 122 2.72 -11.67 7.76
C LYS A 122 4.16 -11.71 7.26
N ARG A 123 4.39 -11.40 5.98
CA ARG A 123 5.75 -11.37 5.46
C ARG A 123 6.58 -10.29 6.17
N VAL A 124 6.01 -9.09 6.31
CA VAL A 124 6.74 -7.99 6.94
C VAL A 124 6.97 -8.29 8.42
N LEU A 125 5.95 -8.79 9.11
CA LEU A 125 6.07 -9.00 10.54
C LEU A 125 7.02 -10.15 10.86
N ALA A 126 6.98 -11.23 10.07
CA ALA A 126 7.92 -12.32 10.28
C ALA A 126 9.36 -11.88 10.07
N GLN A 127 9.59 -11.03 9.07
CA GLN A 127 10.94 -10.51 8.85
C GLN A 127 11.39 -9.60 9.98
N ALA A 128 10.47 -8.85 10.58
CA ALA A 128 10.79 -7.97 11.70
C ALA A 128 10.98 -8.72 13.01
N GLY A 129 10.80 -10.03 13.03
CA GLY A 129 10.96 -10.81 14.25
C GLY A 129 9.70 -11.01 15.05
N VAL A 130 8.54 -10.71 14.49
CA VAL A 130 7.27 -10.90 15.18
C VAL A 130 6.80 -12.34 14.94
N PRO A 131 6.47 -13.09 15.98
CA PRO A 131 6.00 -14.47 15.77
C PRO A 131 4.65 -14.49 15.08
N VAL A 132 4.54 -15.29 14.02
CA VAL A 132 3.31 -15.45 13.27
C VAL A 132 3.09 -16.94 13.02
N VAL A 133 1.83 -17.29 12.79
CA VAL A 133 1.45 -18.67 12.50
C VAL A 133 2.02 -19.08 11.15
N PRO A 134 2.47 -20.32 10.97
CA PRO A 134 2.86 -20.79 9.64
C PRO A 134 1.72 -20.64 8.64
N TRP A 135 2.06 -20.18 7.44
CA TRP A 135 1.04 -19.90 6.45
C TRP A 135 1.63 -20.03 5.05
N VAL A 136 0.75 -20.14 4.06
CA VAL A 136 1.11 -20.05 2.65
C VAL A 136 0.03 -19.28 1.92
N ALA A 137 0.41 -18.64 0.83
CA ALA A 137 -0.53 -17.95 -0.04
C ALA A 137 -0.90 -18.84 -1.21
N VAL A 138 -2.14 -18.71 -1.68
CA VAL A 138 -2.64 -19.46 -2.82
C VAL A 138 -3.35 -18.49 -3.75
N ARG A 139 -2.87 -18.38 -4.98
CA ARG A 139 -3.52 -17.55 -5.98
C ARG A 139 -4.63 -18.34 -6.67
N LYS A 140 -5.71 -17.61 -7.01
CA LYS A 140 -6.86 -18.25 -7.63
C LYS A 140 -6.45 -18.92 -8.94
N GLY A 141 -6.82 -20.20 -9.07
CA GLY A 141 -6.48 -20.98 -10.23
C GLY A 141 -5.20 -21.80 -10.11
N GLU A 142 -4.37 -21.54 -9.08
CA GLU A 142 -3.14 -22.30 -8.93
C GLU A 142 -3.32 -23.40 -7.88
N PRO A 143 -2.65 -24.53 -8.05
CA PRO A 143 -2.80 -25.63 -7.10
C PRO A 143 -2.17 -25.27 -5.76
N PRO A 144 -2.88 -25.49 -4.66
CA PRO A 144 -2.32 -25.17 -3.34
C PRO A 144 -1.23 -26.15 -2.95
N VAL A 145 -0.24 -25.63 -2.22
CA VAL A 145 0.85 -26.43 -1.66
C VAL A 145 0.96 -26.01 -0.19
N VAL A 146 0.48 -26.85 0.71
CA VAL A 146 0.44 -26.53 2.14
C VAL A 146 1.42 -27.43 2.88
N PRO A 147 2.61 -26.93 3.23
CA PRO A 147 3.65 -27.80 3.80
C PRO A 147 3.53 -28.00 5.31
N PHE A 148 2.31 -28.20 5.81
CA PHE A 148 2.10 -28.57 7.19
C PHE A 148 0.79 -29.33 7.31
N ASP A 149 0.64 -30.05 8.42
CA ASP A 149 -0.48 -30.95 8.64
C ASP A 149 -1.75 -30.17 8.99
N PRO A 150 -2.92 -30.68 8.58
CA PRO A 150 -4.18 -30.11 9.04
C PRO A 150 -4.35 -30.31 10.53
N PRO A 151 -5.27 -29.57 11.18
CA PRO A 151 -6.26 -28.64 10.63
C PRO A 151 -5.69 -27.34 10.06
N PHE A 152 -6.37 -26.79 9.06
CA PHE A 152 -6.03 -25.52 8.43
C PHE A 152 -7.10 -24.48 8.74
N PHE A 153 -6.72 -23.21 8.56
CA PHE A 153 -7.67 -22.12 8.42
C PHE A 153 -7.44 -21.48 7.07
N VAL A 154 -8.48 -21.46 6.24
CA VAL A 154 -8.43 -20.90 4.90
C VAL A 154 -9.20 -19.59 4.89
N LYS A 155 -8.56 -18.53 4.38
CA LYS A 155 -9.14 -17.19 4.42
C LYS A 155 -8.90 -16.49 3.10
N PRO A 156 -9.84 -15.64 2.67
CA PRO A 156 -9.48 -14.63 1.67
C PRO A 156 -8.42 -13.71 2.25
N ALA A 157 -7.47 -13.30 1.39
CA ALA A 157 -6.35 -12.51 1.89
C ALA A 157 -6.79 -11.15 2.40
N ASN A 158 -7.92 -10.63 1.90
CA ASN A 158 -8.40 -9.30 2.24
C ASN A 158 -9.67 -9.34 3.09
N THR A 159 -9.92 -10.43 3.81
CA THR A 159 -11.24 -10.59 4.42
C THR A 159 -11.32 -9.87 5.75
N GLY A 160 -12.56 -9.69 6.21
CA GLY A 160 -12.84 -9.13 7.52
C GLY A 160 -14.12 -9.76 8.02
N SER A 161 -14.31 -9.66 9.34
CA SER A 161 -15.50 -10.20 10.01
C SER A 161 -15.65 -11.70 9.78
N SER A 162 -14.53 -12.40 9.58
CA SER A 162 -14.48 -13.84 9.38
C SER A 162 -15.25 -14.29 8.14
N VAL A 163 -15.44 -13.41 7.17
CA VAL A 163 -16.20 -13.77 5.97
C VAL A 163 -15.32 -14.62 5.07
N GLY A 164 -15.87 -15.76 4.64
CA GLY A 164 -15.15 -16.66 3.77
C GLY A 164 -14.09 -17.51 4.43
N ILE A 165 -14.06 -17.56 5.76
CA ILE A 165 -13.05 -18.31 6.49
C ILE A 165 -13.59 -19.70 6.80
N SER A 166 -12.79 -20.73 6.55
CA SER A 166 -13.16 -22.11 6.81
C SER A 166 -12.09 -22.78 7.65
N ARG A 167 -12.52 -23.61 8.60
CA ARG A 167 -11.63 -24.50 9.33
C ARG A 167 -11.61 -25.85 8.61
N VAL A 168 -10.45 -26.24 8.10
CA VAL A 168 -10.32 -27.42 7.26
C VAL A 168 -9.67 -28.52 8.08
N GLU A 169 -10.38 -29.65 8.22
CA GLU A 169 -9.90 -30.79 8.98
C GLU A 169 -9.23 -31.86 8.14
N ARG A 170 -9.59 -31.98 6.86
CA ARG A 170 -9.04 -33.00 5.98
C ARG A 170 -8.62 -32.39 4.66
N PHE A 171 -7.67 -33.05 3.99
CA PHE A 171 -7.18 -32.55 2.70
C PHE A 171 -8.28 -32.49 1.66
N GLN A 172 -9.25 -33.41 1.73
CA GLN A 172 -10.31 -33.45 0.71
C GLN A 172 -11.25 -32.25 0.82
N ASP A 173 -11.26 -31.55 1.95
CA ASP A 173 -12.10 -30.38 2.14
C ASP A 173 -11.37 -29.07 1.83
N LEU A 174 -10.12 -29.15 1.37
CA LEU A 174 -9.36 -27.93 1.09
C LEU A 174 -9.87 -27.24 -0.16
N GLU A 175 -10.21 -28.01 -1.20
CA GLU A 175 -10.67 -27.41 -2.45
C GLU A 175 -11.96 -26.61 -2.25
N ALA A 176 -12.89 -27.14 -1.45
CA ALA A 176 -14.12 -26.41 -1.21
C ALA A 176 -13.89 -25.15 -0.39
N ALA A 177 -12.92 -25.18 0.54
CA ALA A 177 -12.62 -24.00 1.33
C ALA A 177 -11.95 -22.92 0.49
N LEU A 178 -11.05 -23.33 -0.41
CA LEU A 178 -10.42 -22.35 -1.29
C LEU A 178 -11.43 -21.72 -2.24
N ALA A 179 -12.36 -22.53 -2.76
CA ALA A 179 -13.40 -21.98 -3.64
C ALA A 179 -14.25 -20.95 -2.91
N LEU A 180 -14.57 -21.21 -1.63
CA LEU A 180 -15.29 -20.23 -0.84
C LEU A 180 -14.47 -18.96 -0.65
N ALA A 181 -13.18 -19.11 -0.36
CA ALA A 181 -12.33 -17.94 -0.15
C ALA A 181 -12.17 -17.13 -1.43
N PHE A 182 -12.07 -17.82 -2.58
CA PHE A 182 -11.87 -17.14 -3.85
C PHE A 182 -13.12 -16.41 -4.34
N ARG A 183 -14.24 -16.52 -3.64
CA ARG A 183 -15.40 -15.70 -3.97
C ARG A 183 -15.20 -14.25 -3.54
N TYR A 184 -14.25 -13.98 -2.64
CA TYR A 184 -14.05 -12.66 -2.09
C TYR A 184 -12.70 -12.05 -2.42
N ASP A 185 -11.76 -12.83 -2.95
CA ASP A 185 -10.42 -12.33 -3.22
C ASP A 185 -9.76 -13.22 -4.27
N GLU A 186 -8.80 -12.64 -4.99
CA GLU A 186 -8.02 -13.40 -5.96
C GLU A 186 -6.85 -14.15 -5.32
N LYS A 187 -6.56 -13.86 -4.06
CA LYS A 187 -5.49 -14.52 -3.32
C LYS A 187 -6.05 -15.00 -1.99
N ALA A 188 -5.67 -16.21 -1.59
CA ALA A 188 -6.09 -16.78 -0.32
C ALA A 188 -4.86 -17.17 0.50
N VAL A 189 -5.06 -17.28 1.81
CA VAL A 189 -4.02 -17.75 2.72
C VAL A 189 -4.51 -19.03 3.38
N VAL A 190 -3.59 -19.95 3.60
CA VAL A 190 -3.84 -21.18 4.34
C VAL A 190 -2.91 -21.15 5.55
N GLU A 191 -3.49 -21.08 6.74
CA GLU A 191 -2.74 -20.99 7.99
C GLU A 191 -2.87 -22.29 8.77
N LYS A 192 -1.82 -22.61 9.52
CA LYS A 192 -1.88 -23.75 10.43
C LYS A 192 -2.83 -23.40 11.58
N ALA A 193 -3.84 -24.22 11.79
CA ALA A 193 -4.79 -23.99 12.87
C ALA A 193 -4.14 -24.26 14.22
N LEU A 194 -4.38 -23.36 15.17
CA LEU A 194 -3.95 -23.55 16.55
C LEU A 194 -5.11 -24.12 17.34
N SER A 195 -4.92 -25.29 17.94
CA SER A 195 -5.98 -25.99 18.65
C SER A 195 -5.42 -26.69 19.88
N PRO A 196 -5.86 -26.31 21.09
CA PRO A 196 -6.76 -25.18 21.32
C PRO A 196 -6.03 -23.85 21.26
N VAL A 197 -6.76 -22.75 21.23
CA VAL A 197 -6.17 -21.43 21.08
C VAL A 197 -6.94 -20.44 21.95
N ARG A 198 -6.21 -19.51 22.56
CA ARG A 198 -6.79 -18.36 23.24
C ARG A 198 -6.54 -17.12 22.38
N GLU A 199 -7.55 -16.27 22.28
CA GLU A 199 -7.52 -15.10 21.41
C GLU A 199 -7.41 -13.84 22.26
N LEU A 200 -6.34 -13.08 22.04
CA LEU A 200 -6.09 -11.84 22.75
C LEU A 200 -6.17 -10.67 21.77
N GLU A 201 -6.62 -9.52 22.28
CA GLU A 201 -6.75 -8.32 21.46
C GLU A 201 -6.28 -7.12 22.25
N VAL A 202 -5.59 -6.21 21.58
CA VAL A 202 -5.10 -4.97 22.20
C VAL A 202 -5.27 -3.84 21.21
N GLY A 203 -5.76 -2.71 21.70
CA GLY A 203 -5.93 -1.54 20.87
C GLY A 203 -4.73 -0.61 20.93
N VAL A 204 -4.45 0.04 19.81
CA VAL A 204 -3.37 1.02 19.70
C VAL A 204 -3.97 2.34 19.24
N LEU A 205 -3.46 3.43 19.82
CA LEU A 205 -3.93 4.78 19.50
C LEU A 205 -2.70 5.65 19.31
N GLY A 206 -2.62 6.33 18.16
CA GLY A 206 -1.48 7.20 17.91
C GLY A 206 -0.97 7.11 16.49
N ASN A 207 -0.02 7.99 16.15
CA ASN A 207 0.58 8.03 14.83
C ASN A 207 1.96 7.39 14.90
N VAL A 208 2.10 6.21 14.28
CA VAL A 208 3.36 5.47 14.20
C VAL A 208 3.82 5.01 15.58
N PHE A 209 4.04 5.96 16.49
CA PHE A 209 4.39 5.67 17.88
C PHE A 209 3.09 5.73 18.68
N GLY A 210 2.44 4.58 18.83
CA GLY A 210 1.15 4.51 19.48
C GLY A 210 1.26 4.14 20.95
N GLU A 211 0.13 4.27 21.64
CA GLU A 211 -0.02 3.80 23.00
C GLU A 211 -1.00 2.64 23.03
N ALA A 212 -0.73 1.67 23.87
CA ALA A 212 -1.48 0.42 23.90
C ALA A 212 -2.54 0.43 24.98
N SER A 213 -3.70 -0.10 24.65
CA SER A 213 -4.76 -0.31 25.63
C SER A 213 -4.40 -1.52 26.49
N PRO A 214 -5.18 -1.79 27.54
CA PRO A 214 -5.05 -3.08 28.23
C PRO A 214 -5.39 -4.23 27.28
N VAL A 215 -4.85 -5.39 27.59
CA VAL A 215 -5.06 -6.58 26.76
C VAL A 215 -6.39 -7.24 27.15
N GLY A 216 -7.22 -7.51 26.14
CA GLY A 216 -8.49 -8.19 26.35
C GLY A 216 -8.47 -9.57 25.69
N GLU A 217 -9.26 -10.48 26.24
CA GLU A 217 -9.36 -11.84 25.73
C GLU A 217 -10.81 -12.13 25.37
N VAL A 218 -11.01 -12.72 24.20
CA VAL A 218 -12.34 -13.08 23.70
C VAL A 218 -12.60 -14.55 23.99
N ARG A 219 -13.76 -14.85 24.57
CA ARG A 219 -14.19 -16.21 24.86
C ARG A 219 -15.53 -16.46 24.18
N TYR A 220 -15.72 -17.68 23.68
CA TYR A 220 -16.93 -18.04 22.96
C TYR A 220 -17.06 -19.56 22.95
N GLU A 221 -18.24 -20.03 22.55
CA GLU A 221 -18.53 -21.45 22.47
C GLU A 221 -18.63 -21.99 21.05
N ALA A 222 -18.62 -21.11 20.04
CA ALA A 222 -18.67 -21.54 18.65
C ALA A 222 -17.37 -22.23 18.26
N PRO A 223 -17.36 -22.97 17.15
CA PRO A 223 -16.09 -23.58 16.71
C PRO A 223 -14.97 -22.59 16.51
N PHE A 224 -15.27 -21.39 16.01
CA PHE A 224 -14.28 -20.32 15.98
C PHE A 224 -15.02 -18.98 15.94
N TYR A 225 -14.25 -17.92 16.20
CA TYR A 225 -14.78 -16.56 16.25
C TYR A 225 -15.31 -16.15 14.88
N ASP A 226 -16.51 -16.60 14.53
CA ASP A 226 -17.04 -16.42 13.18
C ASP A 226 -17.99 -15.22 13.14
N TYR A 227 -18.62 -15.03 11.98
CA TYR A 227 -19.45 -13.84 11.77
C TYR A 227 -20.61 -13.79 12.76
N GLU A 228 -21.32 -14.90 12.92
CA GLU A 228 -22.46 -14.92 13.85
C GLU A 228 -22.01 -14.65 15.28
N THR A 229 -20.89 -15.24 15.69
CA THR A 229 -20.40 -15.02 17.05
C THR A 229 -19.95 -13.58 17.26
N LYS A 230 -19.47 -12.93 16.21
CA LYS A 230 -18.89 -11.59 16.37
C LYS A 230 -19.95 -10.53 16.57
N TYR A 231 -21.10 -10.67 15.90
CA TYR A 231 -22.08 -9.60 15.85
C TYR A 231 -23.44 -9.97 16.43
N THR A 232 -23.60 -11.17 17.00
CA THR A 232 -24.81 -11.49 17.75
C THR A 232 -24.58 -11.15 19.21
N PRO A 233 -25.42 -10.31 19.82
CA PRO A 233 -25.19 -9.91 21.20
C PRO A 233 -25.22 -11.11 22.15
N GLY A 234 -24.22 -11.16 23.04
CA GLY A 234 -24.15 -12.18 24.05
C GLY A 234 -23.29 -13.38 23.71
N ARG A 235 -22.89 -13.53 22.44
CA ARG A 235 -22.14 -14.72 22.04
C ARG A 235 -20.68 -14.63 22.47
N ALA A 236 -20.09 -13.44 22.43
CA ALA A 236 -18.68 -13.25 22.72
C ALA A 236 -18.50 -12.49 24.03
N GLU A 237 -17.69 -13.03 24.91
CA GLU A 237 -17.29 -12.35 26.15
C GLU A 237 -15.89 -11.77 25.98
N LEU A 238 -15.71 -10.53 26.43
CA LEU A 238 -14.39 -9.92 26.49
C LEU A 238 -13.95 -9.85 27.95
N LEU A 239 -12.88 -10.57 28.27
CA LEU A 239 -12.31 -10.55 29.62
C LEU A 239 -11.22 -9.49 29.64
N ILE A 240 -11.45 -8.42 30.39
CA ILE A 240 -10.55 -7.28 30.43
C ILE A 240 -10.31 -6.87 31.89
N PRO A 241 -9.06 -6.83 32.37
CA PRO A 241 -7.87 -7.23 31.61
C PRO A 241 -7.76 -8.74 31.44
N ALA A 242 -7.13 -9.18 30.36
CA ALA A 242 -7.08 -10.60 30.07
C ALA A 242 -6.32 -11.35 31.17
N PRO A 243 -6.79 -12.54 31.57
CA PRO A 243 -6.07 -13.30 32.60
C PRO A 243 -4.76 -13.87 32.09
N LEU A 244 -3.70 -13.08 32.20
CA LEU A 244 -2.38 -13.45 31.70
C LEU A 244 -1.34 -13.28 32.80
N ASP A 245 -0.33 -14.14 32.77
CA ASP A 245 0.84 -13.96 33.62
C ASP A 245 1.45 -12.58 33.34
N PRO A 246 2.07 -11.95 34.35
CA PRO A 246 2.46 -10.54 34.19
C PRO A 246 3.40 -10.28 33.02
N GLY A 247 4.33 -11.18 32.75
CA GLY A 247 5.24 -10.99 31.63
C GLY A 247 4.56 -11.09 30.28
N THR A 248 3.45 -11.84 30.21
CA THR A 248 2.78 -12.04 28.92
C THR A 248 2.04 -10.78 28.49
N GLN A 249 1.38 -10.10 29.43
CA GLN A 249 0.65 -8.88 29.10
C GLN A 249 1.59 -7.83 28.50
N GLU A 250 2.77 -7.67 29.09
CA GLU A 250 3.73 -6.69 28.58
C GLU A 250 4.26 -7.10 27.21
N THR A 251 4.43 -8.42 26.99
CA THR A 251 4.92 -8.89 25.70
C THR A 251 3.91 -8.65 24.59
N VAL A 252 2.62 -8.86 24.88
CA VAL A 252 1.58 -8.60 23.89
C VAL A 252 1.57 -7.13 23.49
N GLN A 253 1.65 -6.24 24.49
CA GLN A 253 1.64 -4.81 24.21
C GLN A 253 2.89 -4.37 23.47
N GLU A 254 4.05 -4.97 23.78
CA GLU A 254 5.28 -4.61 23.08
C GLU A 254 5.24 -5.07 21.63
N LEU A 255 4.74 -6.28 21.38
CA LEU A 255 4.63 -6.79 20.02
C LEU A 255 3.67 -5.95 19.19
N ALA A 256 2.55 -5.52 19.80
CA ALA A 256 1.58 -4.71 19.07
C ALA A 256 2.17 -3.37 18.67
N LEU A 257 2.86 -2.71 19.61
CA LEU A 257 3.46 -1.41 19.29
C LEU A 257 4.59 -1.54 18.29
N LYS A 258 5.31 -2.68 18.32
CA LYS A 258 6.38 -2.90 17.34
C LYS A 258 5.81 -3.06 15.94
N ALA A 259 4.83 -3.96 15.78
CA ALA A 259 4.17 -4.12 14.49
C ALA A 259 3.54 -2.81 14.02
N TYR A 260 2.92 -2.08 14.94
CA TYR A 260 2.33 -0.78 14.62
C TYR A 260 3.37 0.18 14.06
N LYS A 261 4.53 0.26 14.69
CA LYS A 261 5.58 1.16 14.23
C LYS A 261 6.20 0.68 12.91
N VAL A 262 6.47 -0.61 12.80
CA VAL A 262 7.10 -1.14 11.59
C VAL A 262 6.23 -0.87 10.37
N LEU A 263 4.92 -1.14 10.50
CA LEU A 263 4.00 -0.93 9.39
C LEU A 263 3.66 0.54 9.17
N GLY A 264 4.04 1.43 10.08
CA GLY A 264 3.78 2.84 9.93
C GLY A 264 2.31 3.22 10.03
N VAL A 265 1.56 2.53 10.89
CA VAL A 265 0.14 2.81 11.02
C VAL A 265 -0.05 4.15 11.71
N ARG A 266 -1.05 4.91 11.26
CA ARG A 266 -1.47 6.14 11.89
C ARG A 266 -2.91 6.00 12.39
N GLY A 267 -3.24 6.82 13.39
CA GLY A 267 -4.59 6.82 13.91
C GLY A 267 -4.86 5.73 14.93
N MET A 268 -5.22 4.54 14.44
CA MET A 268 -5.68 3.47 15.32
C MET A 268 -5.44 2.13 14.66
N ALA A 269 -5.44 1.09 15.50
CA ALA A 269 -5.46 -0.29 15.03
C ALA A 269 -5.83 -1.18 16.21
N ARG A 270 -6.55 -2.26 15.92
CA ARG A 270 -6.75 -3.34 16.88
C ARG A 270 -5.90 -4.51 16.43
N VAL A 271 -4.95 -4.91 17.26
CA VAL A 271 -4.02 -5.99 16.94
C VAL A 271 -4.49 -7.24 17.65
N ASP A 272 -4.71 -8.31 16.89
CA ASP A 272 -5.21 -9.57 17.40
C ASP A 272 -4.05 -10.55 17.56
N PHE A 273 -4.12 -11.37 18.61
CA PHE A 273 -3.06 -12.32 18.93
C PHE A 273 -3.66 -13.69 19.19
N PHE A 274 -2.81 -14.72 19.07
CA PHE A 274 -3.14 -16.07 19.46
C PHE A 274 -2.20 -16.50 20.59
N LEU A 275 -2.76 -17.24 21.55
CA LEU A 275 -2.00 -17.83 22.64
C LEU A 275 -2.24 -19.33 22.62
N ALA A 276 -1.21 -20.09 22.24
CA ALA A 276 -1.32 -21.54 22.13
C ALA A 276 -0.08 -22.18 22.73
N GLU A 277 -0.27 -23.03 23.74
CA GLU A 277 0.82 -23.73 24.41
C GLU A 277 1.86 -22.75 24.95
N GLY A 278 1.38 -21.64 25.52
CA GLY A 278 2.24 -20.64 26.10
C GLY A 278 2.96 -19.74 25.12
N GLU A 279 2.80 -19.97 23.82
CA GLU A 279 3.47 -19.18 22.79
C GLU A 279 2.52 -18.16 22.20
N LEU A 280 3.04 -16.97 21.90
CA LEU A 280 2.26 -15.88 21.33
C LEU A 280 2.46 -15.81 19.82
N TYR A 281 1.39 -15.49 19.11
CA TYR A 281 1.44 -15.25 17.68
C TYR A 281 0.59 -14.04 17.36
N LEU A 282 1.11 -13.14 16.52
CA LEU A 282 0.32 -12.01 16.06
C LEU A 282 -0.56 -12.48 14.91
N ASN A 283 -1.88 -12.33 15.05
CA ASN A 283 -2.81 -12.77 14.02
C ASN A 283 -2.89 -11.75 12.89
N GLU A 284 -3.33 -10.53 13.20
CA GLU A 284 -3.51 -9.50 12.18
C GLU A 284 -3.59 -8.15 12.87
N LEU A 285 -3.51 -7.09 12.05
CA LEU A 285 -3.84 -5.74 12.46
C LEU A 285 -5.04 -5.27 11.66
N ASN A 286 -6.00 -4.64 12.33
CA ASN A 286 -7.16 -4.04 11.68
C ASN A 286 -7.07 -2.53 11.86
N THR A 287 -6.85 -1.81 10.75
CA THR A 287 -6.67 -0.37 10.82
C THR A 287 -8.00 0.37 10.99
N ILE A 288 -9.10 -0.22 10.55
CA ILE A 288 -10.42 0.35 10.83
C ILE A 288 -11.21 -0.70 11.62
N PRO A 289 -11.00 -0.81 12.92
CA PRO A 289 -11.75 -1.79 13.70
C PRO A 289 -13.22 -1.43 13.78
N GLY A 290 -14.02 -2.40 14.19
CA GLY A 290 -15.45 -2.18 14.29
C GLY A 290 -15.80 -1.32 15.49
N PHE A 291 -16.91 -0.58 15.35
CA PHE A 291 -17.49 0.17 16.45
C PHE A 291 -18.94 -0.25 16.68
N THR A 292 -19.24 -1.52 16.43
CA THR A 292 -20.57 -2.06 16.62
C THR A 292 -20.83 -2.27 18.11
N PRO A 293 -22.09 -2.54 18.49
CA PRO A 293 -22.37 -2.81 19.91
C PRO A 293 -21.58 -3.98 20.49
N THR A 294 -21.11 -4.90 19.66
CA THR A 294 -20.32 -6.04 20.14
C THR A 294 -18.83 -5.89 19.84
N SER A 295 -18.40 -4.75 19.32
CA SER A 295 -17.01 -4.57 18.96
C SER A 295 -16.15 -4.38 20.20
N MET A 296 -14.86 -4.71 20.06
CA MET A 296 -13.96 -4.74 21.20
C MET A 296 -13.07 -3.51 21.32
N TYR A 297 -12.77 -2.83 20.21
CA TYR A 297 -11.83 -1.70 20.27
C TYR A 297 -12.28 -0.60 21.22
N PRO A 298 -13.52 -0.10 21.18
CA PRO A 298 -13.92 0.91 22.17
C PRO A 298 -13.86 0.41 23.60
N ARG A 299 -14.13 -0.89 23.82
CA ARG A 299 -14.11 -1.42 25.18
C ARG A 299 -12.69 -1.61 25.70
N LEU A 300 -11.74 -1.88 24.81
CA LEU A 300 -10.35 -2.00 25.24
C LEU A 300 -9.84 -0.69 25.82
N PHE A 301 -10.09 0.42 25.12
CA PHE A 301 -9.62 1.71 25.62
C PHE A 301 -10.50 2.28 26.72
N GLU A 302 -11.77 1.89 26.78
CA GLU A 302 -12.60 2.28 27.92
C GLU A 302 -12.01 1.74 29.23
N ALA A 303 -11.51 0.50 29.20
CA ALA A 303 -10.84 -0.04 30.38
C ALA A 303 -9.47 0.58 30.61
N GLY A 304 -8.93 1.27 29.60
CA GLY A 304 -7.70 2.01 29.73
C GLY A 304 -7.86 3.45 30.15
N GLY A 305 -9.06 3.85 30.58
CA GLY A 305 -9.32 5.20 31.01
C GLY A 305 -9.72 6.15 29.90
N VAL A 306 -9.87 5.69 28.67
CA VAL A 306 -10.20 6.53 27.54
C VAL A 306 -11.66 6.27 27.19
N ALA A 307 -12.53 7.20 27.57
CA ALA A 307 -13.96 7.03 27.32
C ALA A 307 -14.24 7.11 25.83
N TYR A 308 -15.45 6.66 25.46
CA TYR A 308 -15.83 6.59 24.05
C TYR A 308 -15.79 7.96 23.37
N PRO A 309 -16.33 9.04 23.91
CA PRO A 309 -16.19 10.33 23.22
C PRO A 309 -14.76 10.83 23.17
N GLU A 310 -13.96 10.56 24.19
CA GLU A 310 -12.57 10.99 24.18
C GLU A 310 -11.74 10.19 23.18
N LEU A 311 -12.07 8.91 22.98
CA LEU A 311 -11.38 8.11 21.98
C LEU A 311 -11.60 8.68 20.58
N LEU A 312 -12.85 9.01 20.26
CA LEU A 312 -13.15 9.58 18.95
C LEU A 312 -12.57 10.98 18.79
N ARG A 313 -12.52 11.75 19.88
CA ARG A 313 -11.90 13.07 19.82
C ARG A 313 -10.43 12.95 19.45
N ARG A 314 -9.72 12.00 20.04
CA ARG A 314 -8.29 11.86 19.77
C ARG A 314 -8.02 11.33 18.37
N LEU A 315 -8.92 10.48 17.85
CA LEU A 315 -8.78 10.00 16.48
C LEU A 315 -8.83 11.16 15.50
N VAL A 316 -9.83 12.04 15.63
CA VAL A 316 -9.93 13.21 14.78
C VAL A 316 -8.73 14.13 15.01
N GLU A 317 -8.30 14.24 16.27
CA GLU A 317 -7.15 15.08 16.60
C GLU A 317 -5.87 14.54 15.97
N LEU A 318 -5.69 13.21 15.98
CA LEU A 318 -4.51 12.62 15.35
C LEU A 318 -4.50 12.85 13.84
N ALA A 319 -5.68 12.91 13.22
CA ALA A 319 -5.75 13.14 11.78
C ALA A 319 -5.23 14.53 11.42
N LEU A 320 -5.53 15.53 12.24
CA LEU A 320 -5.03 16.88 11.99
C LEU A 320 -3.57 17.01 12.36
N THR A 321 -3.11 16.30 13.37
CA THR A 321 -1.70 16.36 13.76
C THR A 321 -0.81 15.88 12.62
N HIS A 322 -1.19 14.77 11.97
CA HIS A 322 -0.41 14.29 10.82
C HIS A 322 -0.52 15.24 9.64
N HIS A 323 -1.72 15.81 9.43
CA HIS A 323 -1.90 16.72 8.30
C HIS A 323 -1.02 17.96 8.41
N HIS A 324 -0.78 18.44 9.64
CA HIS A 324 0.14 19.53 9.88
C HIS A 324 1.58 19.07 10.05
N HIS A 325 1.88 17.83 9.67
CA HIS A 325 3.22 17.24 9.81
C HIS A 325 3.72 17.29 11.25
N MET B 1 -8.25 3.71 -35.35
CA MET B 1 -8.07 3.38 -33.94
C MET B 1 -9.20 3.94 -33.08
N GLU B 2 -9.95 3.04 -32.45
CA GLU B 2 -11.00 3.46 -31.52
C GLU B 2 -10.51 3.53 -30.08
N MET B 3 -9.44 2.81 -29.75
CA MET B 3 -8.85 2.88 -28.43
C MET B 3 -8.43 4.31 -28.11
N ARG B 4 -8.72 4.76 -26.89
CA ARG B 4 -8.39 6.11 -26.44
C ARG B 4 -7.78 6.02 -25.06
N VAL B 5 -6.55 6.52 -24.91
CA VAL B 5 -5.78 6.42 -23.69
C VAL B 5 -5.64 7.81 -23.07
N LEU B 6 -5.73 7.89 -21.74
CA LEU B 6 -5.50 9.12 -21.00
C LEU B 6 -4.17 9.02 -20.29
N LEU B 7 -3.24 9.92 -20.62
CA LEU B 7 -1.92 9.96 -20.02
C LEU B 7 -1.88 11.03 -18.94
N ILE B 8 -1.49 10.64 -17.73
CA ILE B 8 -1.38 11.56 -16.60
C ILE B 8 0.09 11.70 -16.24
N ALA B 9 0.59 12.93 -16.29
CA ALA B 9 2.00 13.21 -16.00
C ALA B 9 2.10 14.47 -15.15
N GLY B 10 3.30 14.72 -14.63
CA GLY B 10 3.53 15.84 -13.74
C GLY B 10 3.65 15.39 -12.30
N GLY B 11 2.74 15.85 -11.45
CA GLY B 11 2.70 15.43 -10.07
C GLY B 11 3.30 16.45 -9.12
N VAL B 12 3.11 16.19 -7.83
CA VAL B 12 3.58 17.06 -6.77
C VAL B 12 4.89 16.59 -6.16
N SER B 13 5.39 15.42 -6.58
CA SER B 13 6.64 14.89 -6.07
C SER B 13 7.80 15.68 -6.65
N PRO B 14 9.01 15.54 -6.08
CA PRO B 14 10.18 16.19 -6.68
C PRO B 14 10.48 15.72 -8.09
N GLU B 15 9.94 14.56 -8.50
CA GLU B 15 10.11 14.05 -9.85
C GLU B 15 9.10 14.64 -10.84
N HIS B 16 8.56 15.83 -10.55
CA HIS B 16 7.55 16.43 -11.42
C HIS B 16 8.10 16.64 -12.83
N GLU B 17 9.29 17.23 -12.95
CA GLU B 17 9.86 17.48 -14.28
C GLU B 17 10.26 16.19 -14.97
N VAL B 18 10.72 15.19 -14.21
CA VAL B 18 11.06 13.90 -14.81
C VAL B 18 9.82 13.25 -15.42
N SER B 19 8.67 13.38 -14.74
CA SER B 19 7.43 12.81 -15.26
C SER B 19 7.03 13.44 -16.59
N LEU B 20 7.23 14.76 -16.73
CA LEU B 20 6.90 15.42 -17.98
C LEU B 20 7.81 14.97 -19.10
N LEU B 21 9.09 14.70 -18.79
CA LEU B 21 10.00 14.15 -19.80
C LEU B 21 9.55 12.75 -20.21
N SER B 22 9.07 11.95 -19.26
CA SER B 22 8.56 10.63 -19.61
C SER B 22 7.30 10.74 -20.47
N ALA B 23 6.48 11.77 -20.23
CA ALA B 23 5.28 11.95 -21.03
C ALA B 23 5.62 12.23 -22.49
N GLU B 24 6.63 13.06 -22.74
CA GLU B 24 7.04 13.35 -24.10
C GLU B 24 7.51 12.10 -24.81
N GLY B 25 8.20 11.21 -24.09
CA GLY B 25 8.67 9.97 -24.70
C GLY B 25 7.54 9.00 -25.00
N VAL B 26 6.54 8.93 -24.10
CA VAL B 26 5.43 8.02 -24.33
C VAL B 26 4.50 8.55 -25.42
N LEU B 27 4.21 9.85 -25.40
CA LEU B 27 3.36 10.43 -26.43
C LEU B 27 3.98 10.32 -27.82
N ARG B 28 5.31 10.24 -27.88
CA ARG B 28 5.99 10.18 -29.17
C ARG B 28 5.81 8.82 -29.84
N HIS B 29 5.62 7.76 -29.06
CA HIS B 29 5.62 6.41 -29.60
C HIS B 29 4.33 5.63 -29.40
N ILE B 30 3.41 6.12 -28.57
CA ILE B 30 2.22 5.31 -28.25
C ILE B 30 1.35 5.17 -29.49
N PRO B 31 0.96 3.95 -29.88
CA PRO B 31 0.18 3.76 -31.10
C PRO B 31 -1.32 3.98 -30.95
N PHE B 32 -1.77 4.58 -29.86
CA PHE B 32 -3.19 4.86 -29.68
C PHE B 32 -3.41 6.37 -29.57
N PRO B 33 -4.60 6.85 -29.98
CA PRO B 33 -4.97 8.24 -29.68
C PRO B 33 -4.93 8.48 -28.19
N THR B 34 -4.10 9.44 -27.77
CA THR B 34 -3.81 9.67 -26.36
C THR B 34 -3.96 11.14 -26.02
N ASP B 35 -4.71 11.41 -24.96
CA ASP B 35 -4.83 12.75 -24.41
C ASP B 35 -3.98 12.88 -23.15
N LEU B 36 -3.43 14.07 -22.94
CA LEU B 36 -2.53 14.33 -21.83
C LEU B 36 -3.25 15.14 -20.76
N ALA B 37 -3.10 14.73 -19.51
CA ALA B 37 -3.55 15.49 -18.35
C ALA B 37 -2.34 15.70 -17.43
N VAL B 38 -2.10 16.96 -17.07
CA VAL B 38 -0.92 17.32 -16.29
C VAL B 38 -1.37 17.72 -14.89
N ILE B 39 -0.75 17.10 -13.89
CA ILE B 39 -0.92 17.51 -12.50
C ILE B 39 0.20 18.50 -12.19
N ALA B 40 -0.18 19.75 -11.91
CA ALA B 40 0.82 20.77 -11.63
C ALA B 40 1.44 20.53 -10.25
N GLN B 41 2.50 21.29 -9.95
CA GLN B 41 3.21 21.11 -8.70
C GLN B 41 2.40 21.56 -7.49
N ASP B 42 1.36 22.38 -7.69
CA ASP B 42 0.50 22.78 -6.59
C ASP B 42 -0.70 21.84 -6.41
N GLY B 43 -0.76 20.74 -7.17
CA GLY B 43 -1.79 19.76 -7.03
C GLY B 43 -2.97 19.91 -7.97
N ARG B 44 -3.13 21.07 -8.61
CA ARG B 44 -4.25 21.30 -9.49
C ARG B 44 -3.91 20.84 -10.91
N TRP B 45 -4.95 20.46 -11.65
CA TRP B 45 -4.79 19.79 -12.93
C TRP B 45 -4.88 20.76 -14.09
N LEU B 46 -4.22 20.41 -15.19
CA LEU B 46 -4.30 21.11 -16.45
C LEU B 46 -4.79 20.14 -17.52
N LEU B 47 -5.83 20.54 -18.25
CA LEU B 47 -6.46 19.68 -19.23
C LEU B 47 -6.38 20.30 -20.63
N GLY B 48 -6.45 19.43 -21.63
CA GLY B 48 -6.56 19.89 -23.00
C GLY B 48 -5.30 20.60 -23.47
N GLU B 49 -5.49 21.76 -24.11
CA GLU B 49 -4.36 22.48 -24.68
C GLU B 49 -3.44 23.04 -23.61
N LYS B 50 -3.96 23.34 -22.42
CA LYS B 50 -3.12 23.85 -21.35
C LYS B 50 -2.16 22.78 -20.85
N ALA B 51 -2.52 21.50 -20.99
CA ALA B 51 -1.60 20.44 -20.59
C ALA B 51 -0.46 20.29 -21.58
N LEU B 52 -0.75 20.40 -22.88
CA LEU B 52 0.30 20.36 -23.88
C LEU B 52 1.21 21.57 -23.78
N THR B 53 0.68 22.72 -23.35
CA THR B 53 1.52 23.90 -23.16
C THR B 53 2.49 23.70 -22.00
N ALA B 54 2.02 23.13 -20.90
CA ALA B 54 2.91 22.83 -19.79
C ALA B 54 3.93 21.76 -20.15
N LEU B 55 3.58 20.85 -21.07
CA LEU B 55 4.54 19.84 -21.51
C LEU B 55 5.72 20.47 -22.25
N GLU B 56 5.46 21.51 -23.04
CA GLU B 56 6.54 22.20 -23.74
C GLU B 56 7.43 22.95 -22.76
N ALA B 57 6.84 23.56 -21.73
CA ALA B 57 7.62 24.27 -20.72
C ALA B 57 8.40 23.33 -19.81
N LYS B 58 8.09 22.03 -19.85
CA LYS B 58 8.76 21.00 -19.05
C LYS B 58 8.63 21.23 -17.55
N ALA B 59 7.68 22.08 -17.15
CA ALA B 59 7.40 22.32 -15.73
C ALA B 59 6.06 23.03 -15.64
N ALA B 60 5.27 22.65 -14.63
CA ALA B 60 3.94 23.24 -14.40
C ALA B 60 3.81 23.56 -12.92
N PRO B 61 4.22 24.77 -12.52
CA PRO B 61 4.11 25.13 -11.09
C PRO B 61 2.68 25.31 -10.62
N GLU B 62 1.79 25.82 -11.48
CA GLU B 62 0.43 26.13 -11.09
C GLU B 62 -0.56 25.50 -12.07
N GLY B 63 -1.64 24.96 -11.52
CA GLY B 63 -2.71 24.35 -12.31
C GLY B 63 -3.99 25.16 -12.22
N GLU B 64 -5.02 24.61 -12.87
CA GLU B 64 -6.31 25.27 -12.97
C GLU B 64 -7.41 24.58 -12.17
N HIS B 65 -7.53 23.26 -12.27
CA HIS B 65 -8.66 22.56 -11.70
C HIS B 65 -8.25 21.82 -10.43
N PRO B 66 -8.86 22.11 -9.29
CA PRO B 66 -8.58 21.32 -8.09
C PRO B 66 -9.14 19.91 -8.22
N PHE B 67 -8.49 18.98 -7.52
CA PHE B 67 -8.92 17.59 -7.56
C PHE B 67 -10.22 17.41 -6.78
N PRO B 68 -11.16 16.60 -7.27
CA PRO B 68 -11.11 15.86 -8.55
C PRO B 68 -11.42 16.75 -9.76
N PRO B 69 -10.68 16.57 -10.83
CA PRO B 69 -10.80 17.45 -12.00
C PRO B 69 -12.07 17.17 -12.78
N PRO B 70 -12.61 18.17 -13.50
CA PRO B 70 -13.78 17.96 -14.37
C PRO B 70 -13.40 17.26 -15.68
N LEU B 71 -12.89 16.03 -15.56
CA LEU B 71 -12.40 15.27 -16.68
C LEU B 71 -13.46 14.24 -17.11
N SER B 72 -13.65 14.11 -18.43
CA SER B 72 -14.60 13.16 -18.98
C SER B 72 -13.94 11.79 -19.00
N TRP B 73 -14.02 11.08 -17.87
CA TRP B 73 -13.34 9.80 -17.73
C TRP B 73 -13.93 8.75 -18.67
N GLU B 74 -15.22 8.84 -19.00
CA GLU B 74 -15.86 7.85 -19.84
C GLU B 74 -15.33 7.86 -21.28
N ARG B 75 -14.60 8.90 -21.67
CA ARG B 75 -14.09 8.95 -23.04
C ARG B 75 -12.87 8.06 -23.24
N TYR B 76 -12.24 7.60 -22.16
CA TYR B 76 -10.99 6.88 -22.24
C TYR B 76 -11.17 5.42 -21.84
N ASP B 77 -10.53 4.53 -22.59
CA ASP B 77 -10.62 3.10 -22.32
C ASP B 77 -9.59 2.68 -21.26
N VAL B 78 -8.40 3.27 -21.30
CA VAL B 78 -7.33 2.95 -20.37
C VAL B 78 -6.70 4.25 -19.90
N VAL B 79 -6.31 4.30 -18.62
CA VAL B 79 -5.59 5.43 -18.05
C VAL B 79 -4.14 5.00 -17.83
N PHE B 80 -3.21 5.85 -18.24
CA PHE B 80 -1.78 5.57 -18.09
C PHE B 80 -1.21 6.54 -17.07
N PRO B 81 -1.06 6.15 -15.80
CA PRO B 81 -0.44 7.02 -14.80
C PRO B 81 1.07 7.04 -14.97
N LEU B 82 1.61 8.19 -15.35
CA LEU B 82 3.03 8.36 -15.60
C LEU B 82 3.64 9.30 -14.55
N LEU B 83 3.14 9.19 -13.32
CA LEU B 83 3.55 10.04 -12.21
C LEU B 83 4.58 9.28 -11.37
N HIS B 84 5.80 9.80 -11.30
CA HIS B 84 6.85 9.19 -10.52
C HIS B 84 6.82 9.73 -9.09
N GLY B 85 7.09 8.85 -8.14
CA GLY B 85 7.25 9.24 -6.75
C GLY B 85 5.95 9.36 -5.99
N ARG B 86 5.98 10.18 -4.94
CA ARG B 86 4.85 10.33 -4.04
C ARG B 86 3.65 10.91 -4.77
N PHE B 87 2.46 10.43 -4.38
CA PHE B 87 1.19 10.86 -4.97
C PHE B 87 1.16 10.58 -6.48
N GLY B 88 1.46 9.33 -6.84
CA GLY B 88 1.45 8.92 -8.23
C GLY B 88 1.94 7.51 -8.44
N GLU B 89 3.09 7.19 -7.84
CA GLU B 89 3.69 5.88 -7.93
C GLU B 89 3.49 5.05 -6.66
N ASP B 90 2.93 5.63 -5.60
CA ASP B 90 2.83 4.99 -4.30
C ASP B 90 1.44 4.45 -4.00
N GLY B 91 0.56 4.39 -5.00
CA GLY B 91 -0.76 3.80 -4.81
C GLY B 91 -1.88 4.79 -4.61
N THR B 92 -1.59 6.08 -4.44
CA THR B 92 -2.66 7.05 -4.20
C THR B 92 -3.50 7.24 -5.45
N VAL B 93 -2.86 7.53 -6.59
CA VAL B 93 -3.61 7.68 -7.84
C VAL B 93 -4.23 6.37 -8.25
N GLN B 94 -3.58 5.24 -7.93
CA GLN B 94 -4.17 3.94 -8.25
C GLN B 94 -5.47 3.72 -7.50
N GLY B 95 -5.51 4.08 -6.22
CA GLY B 95 -6.74 3.95 -5.46
C GLY B 95 -7.87 4.77 -6.04
N PHE B 96 -7.57 5.99 -6.49
CA PHE B 96 -8.58 6.82 -7.13
C PHE B 96 -9.10 6.17 -8.42
N LEU B 97 -8.19 5.62 -9.22
CA LEU B 97 -8.61 4.97 -10.46
C LEU B 97 -9.39 3.69 -10.18
N GLU B 98 -9.05 2.97 -9.12
CA GLU B 98 -9.82 1.80 -8.73
C GLU B 98 -11.28 2.16 -8.43
N LEU B 99 -11.49 3.25 -7.69
CA LEU B 99 -12.85 3.67 -7.38
C LEU B 99 -13.57 4.20 -8.62
N LEU B 100 -12.84 4.79 -9.57
CA LEU B 100 -13.45 5.20 -10.82
C LEU B 100 -13.86 4.03 -11.69
N GLY B 101 -13.26 2.85 -11.48
CA GLY B 101 -13.55 1.71 -12.31
C GLY B 101 -12.83 1.68 -13.64
N LYS B 102 -11.82 2.52 -13.82
CA LYS B 102 -11.11 2.57 -15.10
C LYS B 102 -9.94 1.59 -15.10
N PRO B 103 -9.76 0.83 -16.17
CA PRO B 103 -8.51 0.07 -16.31
C PRO B 103 -7.34 1.03 -16.41
N TYR B 104 -6.24 0.67 -15.75
CA TYR B 104 -5.07 1.53 -15.73
C TYR B 104 -3.80 0.70 -15.81
N VAL B 105 -2.77 1.34 -16.36
CA VAL B 105 -1.47 0.69 -16.58
C VAL B 105 -0.70 0.66 -15.26
N GLY B 106 -0.04 -0.45 -14.99
CA GLY B 106 0.89 -0.54 -13.89
C GLY B 106 0.34 -1.32 -12.71
N ALA B 107 1.11 -1.31 -11.63
CA ALA B 107 0.80 -2.09 -10.45
C ALA B 107 -0.41 -1.52 -9.71
N GLY B 108 -1.04 -2.37 -8.92
CA GLY B 108 -2.18 -1.98 -8.12
C GLY B 108 -1.76 -1.14 -6.92
N VAL B 109 -2.73 -0.93 -6.04
CA VAL B 109 -2.51 -0.06 -4.88
C VAL B 109 -1.46 -0.64 -3.94
N ALA B 110 -1.64 -1.90 -3.54
CA ALA B 110 -0.75 -2.50 -2.55
C ALA B 110 0.67 -2.61 -3.08
N ALA B 111 0.83 -3.09 -4.32
CA ALA B 111 2.17 -3.25 -4.88
C ALA B 111 2.83 -1.90 -5.13
N SER B 112 2.07 -0.88 -5.50
CA SER B 112 2.66 0.44 -5.71
C SER B 112 3.13 1.05 -4.40
N ALA B 113 2.33 0.91 -3.34
CA ALA B 113 2.74 1.46 -2.05
C ALA B 113 3.93 0.71 -1.48
N LEU B 114 3.94 -0.62 -1.64
CA LEU B 114 5.04 -1.43 -1.10
C LEU B 114 6.34 -1.14 -1.84
N CYS B 115 6.30 -1.04 -3.18
CA CYS B 115 7.54 -0.89 -3.93
C CYS B 115 8.13 0.51 -3.80
N MET B 116 7.30 1.51 -3.50
CA MET B 116 7.80 2.86 -3.28
C MET B 116 8.49 3.04 -1.93
N ASP B 117 8.18 2.19 -0.96
CA ASP B 117 8.79 2.25 0.36
C ASP B 117 10.03 1.37 0.35
N LYS B 118 11.22 1.99 0.41
CA LYS B 118 12.45 1.24 0.36
C LYS B 118 12.66 0.36 1.58
N ASP B 119 12.05 0.69 2.71
CA ASP B 119 12.19 -0.13 3.90
C ASP B 119 11.27 -1.35 3.85
N LEU B 120 9.99 -1.13 3.56
CA LEU B 120 9.03 -2.23 3.56
C LEU B 120 9.25 -3.19 2.39
N SER B 121 9.70 -2.67 1.24
CA SER B 121 9.99 -3.55 0.12
C SER B 121 11.18 -4.46 0.42
N LYS B 122 12.21 -3.92 1.08
CA LYS B 122 13.36 -4.74 1.46
C LYS B 122 12.96 -5.82 2.45
N ARG B 123 12.04 -5.51 3.38
CA ARG B 123 11.59 -6.51 4.33
C ARG B 123 10.93 -7.69 3.64
N VAL B 124 10.03 -7.41 2.68
CA VAL B 124 9.35 -8.47 1.97
C VAL B 124 10.32 -9.27 1.12
N LEU B 125 11.27 -8.59 0.47
CA LEU B 125 12.27 -9.30 -0.33
C LEU B 125 13.18 -10.15 0.53
N ALA B 126 13.65 -9.60 1.66
CA ALA B 126 14.50 -10.37 2.56
C ALA B 126 13.76 -11.57 3.14
N GLN B 127 12.45 -11.42 3.39
CA GLN B 127 11.67 -12.54 3.90
C GLN B 127 11.51 -13.64 2.85
N ALA B 128 11.47 -13.27 1.58
CA ALA B 128 11.35 -14.25 0.50
C ALA B 128 12.68 -14.87 0.10
N GLY B 129 13.78 -14.46 0.72
CA GLY B 129 15.09 -14.99 0.38
C GLY B 129 15.84 -14.23 -0.68
N VAL B 130 15.36 -13.06 -1.09
CA VAL B 130 16.06 -12.26 -2.08
C VAL B 130 17.20 -11.50 -1.41
N PRO B 131 18.41 -11.55 -1.94
CA PRO B 131 19.52 -10.81 -1.30
C PRO B 131 19.32 -9.31 -1.43
N VAL B 132 19.49 -8.61 -0.30
CA VAL B 132 19.40 -7.16 -0.26
C VAL B 132 20.57 -6.61 0.54
N VAL B 133 20.84 -5.33 0.35
CA VAL B 133 21.92 -4.66 1.08
C VAL B 133 21.51 -4.52 2.54
N PRO B 134 22.42 -4.76 3.49
CA PRO B 134 22.08 -4.50 4.89
C PRO B 134 21.66 -3.06 5.10
N TRP B 135 20.60 -2.87 5.88
CA TRP B 135 20.02 -1.55 6.04
C TRP B 135 19.30 -1.46 7.38
N VAL B 136 18.93 -0.24 7.75
CA VAL B 136 18.11 0.01 8.92
C VAL B 136 17.22 1.21 8.61
N ALA B 137 16.02 1.21 9.19
CA ALA B 137 15.08 2.31 9.01
C ALA B 137 15.23 3.30 10.16
N VAL B 138 15.22 4.58 9.82
CA VAL B 138 15.33 5.66 10.79
C VAL B 138 14.14 6.58 10.58
N ARG B 139 13.38 6.81 11.65
CA ARG B 139 12.20 7.66 11.60
C ARG B 139 12.52 9.05 12.13
N LYS B 140 11.70 10.02 11.71
CA LYS B 140 11.93 11.41 12.03
C LYS B 140 11.84 11.66 13.53
N GLY B 141 12.83 12.35 14.07
CA GLY B 141 12.85 12.63 15.49
C GLY B 141 13.28 11.48 16.37
N GLU B 142 13.90 10.45 15.80
CA GLU B 142 14.33 9.28 16.54
C GLU B 142 15.82 9.04 16.31
N PRO B 143 16.59 8.78 17.36
CA PRO B 143 18.03 8.61 17.19
C PRO B 143 18.36 7.40 16.34
N PRO B 144 19.36 7.49 15.47
CA PRO B 144 19.68 6.38 14.58
C PRO B 144 20.46 5.29 15.29
N VAL B 145 20.17 4.04 14.93
CA VAL B 145 20.86 2.87 15.45
C VAL B 145 21.31 2.05 14.25
N VAL B 146 22.57 2.22 13.85
CA VAL B 146 23.13 1.58 12.66
C VAL B 146 24.09 0.49 13.14
N PRO B 147 23.77 -0.79 12.96
CA PRO B 147 24.65 -1.85 13.45
C PRO B 147 25.77 -2.22 12.49
N PHE B 148 26.15 -1.30 11.60
CA PHE B 148 27.28 -1.52 10.71
C PHE B 148 28.03 -0.21 10.53
N ASP B 149 29.18 -0.28 9.83
CA ASP B 149 30.09 0.83 9.74
C ASP B 149 29.95 1.56 8.40
N PRO B 150 30.23 2.86 8.38
CA PRO B 150 30.23 3.61 7.12
C PRO B 150 31.28 3.08 6.17
N PRO B 151 31.22 3.44 4.88
CA PRO B 151 30.32 4.39 4.20
C PRO B 151 28.86 3.97 4.17
N PHE B 152 27.97 4.96 4.27
CA PHE B 152 26.53 4.77 4.25
C PHE B 152 25.93 5.33 2.97
N PHE B 153 24.68 4.94 2.73
CA PHE B 153 23.82 5.60 1.75
C PHE B 153 22.50 5.92 2.45
N VAL B 154 22.21 7.20 2.61
CA VAL B 154 21.02 7.67 3.32
C VAL B 154 20.02 8.18 2.29
N LYS B 155 18.83 7.60 2.31
CA LYS B 155 17.79 7.96 1.35
C LYS B 155 16.47 8.19 2.06
N PRO B 156 15.63 9.07 1.54
CA PRO B 156 14.22 9.08 1.95
C PRO B 156 13.57 7.77 1.53
N ALA B 157 12.70 7.24 2.40
CA ALA B 157 12.12 5.93 2.16
C ALA B 157 11.24 5.88 0.92
N ASN B 158 10.77 7.03 0.42
N ASN B 158 10.73 7.02 0.44
CA ASN B 158 9.83 7.12 -0.69
CA ASN B 158 9.86 7.04 -0.72
C ASN B 158 10.40 7.93 -1.85
C ASN B 158 10.41 8.00 -1.77
N THR B 159 11.71 7.94 -2.02
CA THR B 159 12.34 8.84 -2.98
C THR B 159 12.46 8.21 -4.36
N GLY B 160 12.62 9.08 -5.35
CA GLY B 160 12.93 8.66 -6.70
C GLY B 160 13.88 9.64 -7.34
N SER B 161 14.56 9.18 -8.39
CA SER B 161 15.52 10.00 -9.13
C SER B 161 16.66 10.49 -8.24
N SER B 162 17.03 9.70 -7.24
CA SER B 162 18.13 9.99 -6.32
C SER B 162 17.94 11.30 -5.56
N VAL B 163 16.70 11.77 -5.44
CA VAL B 163 16.44 13.01 -4.73
C VAL B 163 16.59 12.79 -3.23
N GLY B 164 17.38 13.64 -2.58
CA GLY B 164 17.58 13.55 -1.15
C GLY B 164 18.50 12.44 -0.70
N ILE B 165 19.23 11.80 -1.61
CA ILE B 165 20.14 10.71 -1.28
C ILE B 165 21.53 11.28 -1.04
N SER B 166 22.18 10.80 0.01
CA SER B 166 23.52 11.24 0.37
C SER B 166 24.41 10.03 0.58
N ARG B 167 25.66 10.13 0.11
CA ARG B 167 26.69 9.14 0.43
C ARG B 167 27.47 9.66 1.63
N VAL B 168 27.41 8.91 2.73
CA VAL B 168 28.00 9.33 4.00
C VAL B 168 29.28 8.54 4.22
N GLU B 169 30.37 9.25 4.53
CA GLU B 169 31.66 8.62 4.76
C GLU B 169 32.00 8.48 6.25
N ARG B 170 31.68 9.49 7.05
CA ARG B 170 31.96 9.47 8.48
C ARG B 170 30.66 9.51 9.26
N PHE B 171 30.66 8.88 10.43
CA PHE B 171 29.47 8.83 11.26
C PHE B 171 29.01 10.21 11.70
N GLN B 172 29.92 11.19 11.74
CA GLN B 172 29.54 12.56 12.07
C GLN B 172 28.69 13.20 10.98
N ASP B 173 28.79 12.71 9.74
CA ASP B 173 28.00 13.24 8.63
C ASP B 173 26.62 12.62 8.54
N LEU B 174 26.27 11.69 9.43
CA LEU B 174 24.99 11.00 9.32
C LEU B 174 23.82 11.91 9.64
N GLU B 175 23.96 12.75 10.67
CA GLU B 175 22.85 13.62 11.08
C GLU B 175 22.50 14.62 9.99
N ALA B 176 23.51 15.12 9.28
CA ALA B 176 23.24 16.06 8.19
C ALA B 176 22.54 15.37 7.02
N ALA B 177 22.90 14.11 6.74
CA ALA B 177 22.27 13.38 5.65
C ALA B 177 20.84 13.01 5.99
N LEU B 178 20.59 12.59 7.24
CA LEU B 178 19.22 12.27 7.65
C LEU B 178 18.35 13.52 7.65
N ALA B 179 18.91 14.67 8.04
CA ALA B 179 18.14 15.91 8.00
C ALA B 179 17.74 16.26 6.58
N LEU B 180 18.62 15.98 5.61
CA LEU B 180 18.27 16.19 4.21
C LEU B 180 17.18 15.22 3.76
N ALA B 181 17.32 13.94 4.12
CA ALA B 181 16.33 12.94 3.75
C ALA B 181 14.98 13.22 4.39
N PHE B 182 14.97 13.74 5.61
CA PHE B 182 13.71 14.05 6.29
C PHE B 182 12.99 15.25 5.69
N ARG B 183 13.62 15.96 4.75
CA ARG B 183 12.91 17.02 4.03
C ARG B 183 11.92 16.45 3.02
N TYR B 184 12.05 15.17 2.67
CA TYR B 184 11.18 14.55 1.68
C TYR B 184 10.31 13.43 2.24
N ASP B 185 10.57 12.96 3.45
CA ASP B 185 9.79 11.86 4.01
C ASP B 185 10.02 11.82 5.52
N GLU B 186 9.02 11.30 6.23
CA GLU B 186 9.13 11.11 7.68
C GLU B 186 9.96 9.89 8.04
N LYS B 187 10.29 9.04 7.07
CA LYS B 187 11.09 7.85 7.31
C LYS B 187 12.25 7.82 6.33
N ALA B 188 13.40 7.35 6.80
CA ALA B 188 14.59 7.25 6.00
C ALA B 188 15.24 5.89 6.22
N VAL B 189 16.06 5.49 5.26
CA VAL B 189 16.82 4.24 5.35
C VAL B 189 18.31 4.56 5.33
N VAL B 190 19.07 3.76 6.06
CA VAL B 190 20.52 3.86 6.09
C VAL B 190 21.07 2.52 5.61
N GLU B 191 21.62 2.51 4.39
CA GLU B 191 22.12 1.31 3.77
C GLU B 191 23.64 1.30 3.78
N LYS B 192 24.21 0.10 3.86
CA LYS B 192 25.66 -0.06 3.77
C LYS B 192 26.10 0.18 2.33
N ALA B 193 27.04 1.11 2.15
CA ALA B 193 27.50 1.45 0.81
C ALA B 193 28.40 0.35 0.26
N LEU B 194 28.16 -0.03 -0.99
CA LEU B 194 28.97 -1.03 -1.68
C LEU B 194 29.98 -0.31 -2.57
N SER B 195 31.26 -0.54 -2.32
CA SER B 195 32.33 0.05 -3.11
C SER B 195 33.49 -0.92 -3.25
N PRO B 196 33.90 -1.26 -4.49
CA PRO B 196 33.26 -0.79 -5.73
C PRO B 196 31.99 -1.57 -6.04
N VAL B 197 31.14 -1.04 -6.93
CA VAL B 197 29.87 -1.65 -7.24
C VAL B 197 29.57 -1.45 -8.72
N ARG B 198 28.91 -2.45 -9.32
CA ARG B 198 28.37 -2.34 -10.66
C ARG B 198 26.85 -2.34 -10.57
N GLU B 199 26.21 -1.47 -11.33
CA GLU B 199 24.77 -1.27 -11.26
C GLU B 199 24.12 -1.90 -12.49
N LEU B 200 23.28 -2.91 -12.25
CA LEU B 200 22.58 -3.64 -13.29
C LEU B 200 21.09 -3.39 -13.18
N GLU B 201 20.42 -3.30 -14.33
CA GLU B 201 19.00 -3.04 -14.39
C GLU B 201 18.36 -3.97 -15.41
N VAL B 202 17.11 -4.35 -15.15
CA VAL B 202 16.38 -5.24 -16.04
C VAL B 202 14.90 -4.90 -15.95
N GLY B 203 14.24 -4.81 -17.11
CA GLY B 203 12.82 -4.52 -17.15
C GLY B 203 11.99 -5.79 -17.14
N VAL B 204 10.78 -5.67 -16.59
CA VAL B 204 9.81 -6.75 -16.55
C VAL B 204 8.52 -6.26 -17.18
N LEU B 205 7.84 -7.15 -17.89
CA LEU B 205 6.59 -6.82 -18.58
C LEU B 205 5.62 -7.99 -18.39
N GLY B 206 4.43 -7.71 -17.87
CA GLY B 206 3.43 -8.74 -17.69
C GLY B 206 2.63 -8.63 -16.42
N ASN B 207 1.54 -9.40 -16.33
CA ASN B 207 0.71 -9.42 -15.13
C ASN B 207 1.00 -10.66 -14.29
N VAL B 208 0.67 -11.83 -14.82
CA VAL B 208 0.85 -13.09 -14.12
C VAL B 208 2.15 -13.78 -14.50
N PHE B 209 2.51 -13.74 -15.78
CA PHE B 209 3.72 -14.38 -16.29
C PHE B 209 4.65 -13.27 -16.80
N GLY B 210 5.34 -12.62 -15.87
CA GLY B 210 6.26 -11.56 -16.24
C GLY B 210 7.43 -12.09 -17.04
N GLU B 211 7.80 -11.37 -18.09
CA GLU B 211 8.96 -11.70 -18.91
C GLU B 211 10.02 -10.61 -18.73
N ALA B 212 11.27 -11.03 -18.71
CA ALA B 212 12.38 -10.13 -18.42
C ALA B 212 13.03 -9.65 -19.71
N SER B 213 13.48 -8.40 -19.69
CA SER B 213 14.30 -7.85 -20.76
C SER B 213 15.74 -8.31 -20.60
N PRO B 214 16.60 -8.05 -21.58
CA PRO B 214 18.04 -8.25 -21.36
C PRO B 214 18.53 -7.37 -20.21
N VAL B 215 19.61 -7.82 -19.58
CA VAL B 215 20.19 -7.08 -18.46
C VAL B 215 21.03 -5.94 -19.00
N GLY B 216 20.83 -4.75 -18.45
CA GLY B 216 21.64 -3.60 -18.82
C GLY B 216 22.51 -3.12 -17.67
N GLU B 217 23.52 -2.31 -17.97
CA GLU B 217 24.42 -1.79 -16.95
C GLU B 217 24.57 -0.29 -17.13
N VAL B 218 24.62 0.43 -16.01
CA VAL B 218 24.82 1.87 -16.00
C VAL B 218 26.20 2.17 -15.43
N ARG B 219 26.97 2.98 -16.17
CA ARG B 219 28.29 3.42 -15.72
C ARG B 219 28.37 4.93 -15.86
N TYR B 220 29.14 5.56 -14.97
CA TYR B 220 29.18 7.01 -14.85
C TYR B 220 30.51 7.41 -14.20
N GLU B 221 30.76 8.72 -14.14
CA GLU B 221 31.95 9.28 -13.49
C GLU B 221 31.64 10.00 -12.20
N ALA B 222 30.37 10.20 -11.86
CA ALA B 222 29.99 10.89 -10.64
C ALA B 222 30.23 9.99 -9.43
N PRO B 223 30.21 10.56 -8.22
CA PRO B 223 30.33 9.70 -7.03
C PRO B 223 29.23 8.66 -6.92
N PHE B 224 28.02 8.95 -7.40
CA PHE B 224 26.97 7.95 -7.49
C PHE B 224 25.97 8.39 -8.55
N TYR B 225 25.10 7.46 -8.94
CA TYR B 225 24.09 7.69 -9.96
C TYR B 225 23.05 8.67 -9.41
N ASP B 226 23.38 9.96 -9.51
CA ASP B 226 22.56 11.00 -8.91
C ASP B 226 21.64 11.64 -9.96
N TYR B 227 20.90 12.66 -9.53
CA TYR B 227 19.88 13.27 -10.38
C TYR B 227 20.51 13.88 -11.64
N GLU B 228 21.62 14.60 -11.47
CA GLU B 228 22.27 15.23 -12.62
C GLU B 228 22.78 14.18 -13.60
N THR B 229 23.38 13.10 -13.10
CA THR B 229 23.88 12.05 -13.98
C THR B 229 22.75 11.33 -14.69
N LYS B 230 21.59 11.20 -14.03
CA LYS B 230 20.51 10.39 -14.59
C LYS B 230 19.86 11.05 -15.80
N TYR B 231 19.74 12.38 -15.79
CA TYR B 231 18.93 13.06 -16.79
C TYR B 231 19.68 14.07 -17.64
N THR B 232 20.94 14.36 -17.34
CA THR B 232 21.74 15.17 -18.25
C THR B 232 22.18 14.32 -19.43
N PRO B 233 21.81 14.68 -20.66
CA PRO B 233 22.11 13.80 -21.81
C PRO B 233 23.60 13.57 -21.97
N GLY B 234 23.97 12.31 -22.17
CA GLY B 234 25.35 11.92 -22.35
C GLY B 234 26.14 11.69 -21.08
N ARG B 235 25.60 12.08 -19.93
CA ARG B 235 26.35 11.98 -18.68
C ARG B 235 26.46 10.53 -18.20
N ALA B 236 25.48 9.69 -18.53
CA ALA B 236 25.45 8.30 -18.09
C ALA B 236 25.75 7.38 -19.27
N GLU B 237 26.50 6.32 -19.00
CA GLU B 237 26.84 5.32 -19.99
C GLU B 237 25.90 4.13 -19.82
N LEU B 238 25.04 3.91 -20.81
CA LEU B 238 24.01 2.88 -20.75
C LEU B 238 24.45 1.71 -21.63
N LEU B 239 24.82 0.60 -20.99
CA LEU B 239 25.38 -0.56 -21.67
C LEU B 239 24.33 -1.66 -21.74
N ILE B 240 23.84 -1.94 -22.95
CA ILE B 240 22.83 -2.95 -23.18
C ILE B 240 23.27 -3.82 -24.35
N PRO B 241 23.52 -5.13 -24.16
CA PRO B 241 23.42 -5.82 -22.87
C PRO B 241 24.61 -5.54 -21.95
N ALA B 242 24.46 -5.86 -20.68
CA ALA B 242 25.53 -5.60 -19.72
C ALA B 242 26.74 -6.46 -20.04
N PRO B 243 27.96 -5.90 -20.04
CA PRO B 243 29.15 -6.72 -20.30
C PRO B 243 29.47 -7.69 -19.18
N LEU B 244 28.62 -8.69 -18.99
CA LEU B 244 28.80 -9.74 -18.00
C LEU B 244 28.85 -11.09 -18.69
N ASP B 245 29.33 -12.09 -17.96
CA ASP B 245 29.23 -13.45 -18.46
C ASP B 245 27.77 -13.90 -18.40
N PRO B 246 27.34 -14.78 -19.32
CA PRO B 246 25.91 -15.09 -19.43
C PRO B 246 25.30 -15.65 -18.16
N GLY B 247 26.08 -16.34 -17.32
CA GLY B 247 25.51 -16.94 -16.11
C GLY B 247 24.99 -15.89 -15.14
N THR B 248 25.75 -14.82 -14.93
CA THR B 248 25.31 -13.78 -14.02
C THR B 248 24.10 -13.04 -14.55
N GLN B 249 24.05 -12.83 -15.87
CA GLN B 249 22.89 -12.16 -16.47
C GLN B 249 21.63 -12.98 -16.28
N GLU B 250 21.74 -14.31 -16.38
CA GLU B 250 20.57 -15.17 -16.17
C GLU B 250 20.13 -15.14 -14.71
N THR B 251 21.08 -15.05 -13.78
CA THR B 251 20.74 -14.98 -12.38
C THR B 251 20.05 -13.65 -12.05
N VAL B 252 20.46 -12.57 -12.71
CA VAL B 252 19.79 -11.28 -12.52
C VAL B 252 18.34 -11.36 -12.99
N GLN B 253 18.12 -11.96 -14.16
CA GLN B 253 16.77 -12.06 -14.69
C GLN B 253 15.90 -12.96 -13.81
N GLU B 254 16.48 -14.03 -13.25
CA GLU B 254 15.71 -14.91 -12.39
C GLU B 254 15.30 -14.21 -11.10
N LEU B 255 16.22 -13.45 -10.50
CA LEU B 255 15.89 -12.69 -9.30
C LEU B 255 14.87 -11.60 -9.58
N ALA B 256 14.93 -10.98 -10.76
CA ALA B 256 13.98 -9.92 -11.09
C ALA B 256 12.57 -10.46 -11.18
N LEU B 257 12.39 -11.59 -11.88
CA LEU B 257 11.06 -12.18 -12.01
C LEU B 257 10.56 -12.73 -10.68
N LYS B 258 11.47 -13.22 -9.83
CA LYS B 258 11.07 -13.67 -8.50
C LYS B 258 10.57 -12.50 -7.66
N ALA B 259 11.33 -11.42 -7.62
CA ALA B 259 10.89 -10.24 -6.87
C ALA B 259 9.62 -9.64 -7.46
N TYR B 260 9.45 -9.74 -8.78
CA TYR B 260 8.24 -9.24 -9.42
C TYR B 260 7.01 -9.97 -8.91
N LYS B 261 7.10 -11.28 -8.73
CA LYS B 261 5.96 -12.05 -8.24
C LYS B 261 5.80 -11.90 -6.72
N VAL B 262 6.91 -11.87 -5.99
CA VAL B 262 6.84 -11.76 -4.53
C VAL B 262 6.14 -10.46 -4.13
N LEU B 263 6.51 -9.35 -4.76
CA LEU B 263 5.94 -8.05 -4.44
C LEU B 263 4.58 -7.82 -5.10
N GLY B 264 4.08 -8.77 -5.88
CA GLY B 264 2.75 -8.67 -6.45
C GLY B 264 2.59 -7.58 -7.51
N VAL B 265 3.65 -7.26 -8.24
CA VAL B 265 3.61 -6.19 -9.23
C VAL B 265 2.83 -6.65 -10.45
N ARG B 266 2.22 -5.68 -11.14
CA ARG B 266 1.41 -5.90 -12.32
C ARG B 266 1.82 -4.88 -13.38
N GLY B 267 1.77 -5.29 -14.66
CA GLY B 267 2.05 -4.37 -15.74
C GLY B 267 3.50 -4.25 -16.14
N MET B 268 4.27 -3.47 -15.37
CA MET B 268 5.66 -3.23 -15.71
C MET B 268 6.44 -2.96 -14.43
N ALA B 269 7.77 -3.07 -14.56
CA ALA B 269 8.70 -2.71 -13.50
C ALA B 269 10.11 -2.72 -14.07
N ARG B 270 10.95 -1.85 -13.53
CA ARG B 270 12.39 -1.90 -13.76
C ARG B 270 13.05 -2.29 -12.44
N VAL B 271 13.81 -3.38 -12.46
CA VAL B 271 14.47 -3.90 -11.25
C VAL B 271 15.93 -3.50 -11.30
N ASP B 272 16.40 -2.82 -10.27
CA ASP B 272 17.79 -2.39 -10.16
C ASP B 272 18.55 -3.33 -9.23
N PHE B 273 19.78 -3.67 -9.63
CA PHE B 273 20.62 -4.59 -8.88
C PHE B 273 21.98 -3.98 -8.60
N PHE B 274 22.65 -4.52 -7.59
CA PHE B 274 24.03 -4.21 -7.28
C PHE B 274 24.87 -5.47 -7.43
N LEU B 275 26.04 -5.33 -8.06
CA LEU B 275 26.98 -6.42 -8.21
C LEU B 275 28.30 -6.00 -7.58
N ALA B 276 28.63 -6.60 -6.43
CA ALA B 276 29.82 -6.24 -5.67
C ALA B 276 30.52 -7.51 -5.24
N GLU B 277 31.76 -7.69 -5.71
CA GLU B 277 32.59 -8.85 -5.36
C GLU B 277 31.89 -10.16 -5.70
N GLY B 278 31.29 -10.22 -6.88
CA GLY B 278 30.62 -11.42 -7.35
C GLY B 278 29.27 -11.70 -6.75
N GLU B 279 28.80 -10.87 -5.80
CA GLU B 279 27.52 -11.08 -5.14
C GLU B 279 26.49 -10.11 -5.68
N LEU B 280 25.28 -10.62 -5.94
CA LEU B 280 24.17 -9.81 -6.42
C LEU B 280 23.31 -9.36 -5.25
N TYR B 281 22.92 -8.09 -5.29
CA TYR B 281 22.00 -7.51 -4.32
C TYR B 281 20.90 -6.79 -5.08
N LEU B 282 19.66 -7.03 -4.71
CA LEU B 282 18.55 -6.31 -5.32
C LEU B 282 18.43 -4.93 -4.67
N ASN B 283 18.58 -3.88 -5.47
CA ASN B 283 18.55 -2.52 -4.95
C ASN B 283 17.12 -2.09 -4.64
N GLU B 284 16.30 -1.97 -5.67
CA GLU B 284 14.93 -1.51 -5.50
C GLU B 284 14.10 -2.01 -6.67
N LEU B 285 12.82 -1.67 -6.65
CA LEU B 285 11.88 -1.98 -7.73
C LEU B 285 11.07 -0.73 -8.02
N ASN B 286 11.01 -0.35 -9.30
CA ASN B 286 10.28 0.85 -9.73
C ASN B 286 9.10 0.42 -10.59
N THR B 287 7.88 0.68 -10.11
CA THR B 287 6.69 0.28 -10.84
C THR B 287 6.36 1.23 -11.98
N ILE B 288 6.72 2.50 -11.87
CA ILE B 288 6.56 3.45 -12.97
C ILE B 288 7.95 3.93 -13.38
N PRO B 289 8.70 3.16 -14.16
CA PRO B 289 10.03 3.60 -14.55
C PRO B 289 9.96 4.77 -15.52
N GLY B 290 11.06 5.53 -15.56
CA GLY B 290 11.11 6.67 -16.45
C GLY B 290 11.10 6.24 -17.91
N PHE B 291 10.50 7.10 -18.74
CA PHE B 291 10.56 6.99 -20.19
C PHE B 291 11.30 8.20 -20.78
N THR B 292 12.22 8.76 -20.01
CA THR B 292 13.04 9.88 -20.41
C THR B 292 14.02 9.45 -21.50
N PRO B 293 14.43 10.37 -22.39
CA PRO B 293 15.47 10.03 -23.38
C PRO B 293 16.71 9.35 -22.84
N THR B 294 16.98 9.49 -21.53
CA THR B 294 18.12 8.80 -20.91
C THR B 294 17.67 7.65 -20.01
N SER B 295 16.42 7.21 -20.12
CA SER B 295 15.92 6.14 -19.28
C SER B 295 16.27 4.77 -19.85
N MET B 296 16.37 3.79 -18.97
CA MET B 296 16.78 2.45 -19.34
C MET B 296 15.63 1.55 -19.77
N TYR B 297 14.46 1.70 -19.18
CA TYR B 297 13.39 0.72 -19.39
C TYR B 297 12.98 0.55 -20.85
N PRO B 298 12.66 1.61 -21.61
CA PRO B 298 12.34 1.39 -23.03
C PRO B 298 13.52 0.86 -23.83
N ARG B 299 14.74 1.23 -23.47
CA ARG B 299 15.91 0.73 -24.19
C ARG B 299 16.13 -0.75 -23.90
N LEU B 300 15.90 -1.18 -22.66
CA LEU B 300 16.11 -2.58 -22.31
C LEU B 300 15.22 -3.50 -23.14
N PHE B 301 13.95 -3.13 -23.30
CA PHE B 301 13.06 -3.95 -24.11
C PHE B 301 13.26 -3.76 -25.61
N GLU B 302 13.82 -2.61 -26.02
CA GLU B 302 14.19 -2.44 -27.42
C GLU B 302 15.25 -3.46 -27.82
N ALA B 303 16.26 -3.66 -26.98
CA ALA B 303 17.28 -4.67 -27.25
C ALA B 303 16.73 -6.09 -27.16
N GLY B 304 15.61 -6.28 -26.48
CA GLY B 304 14.95 -7.57 -26.38
C GLY B 304 13.97 -7.86 -27.50
N GLY B 305 13.95 -7.06 -28.55
CA GLY B 305 13.05 -7.28 -29.67
C GLY B 305 11.67 -6.71 -29.52
N VAL B 306 11.44 -5.86 -28.51
CA VAL B 306 10.15 -5.24 -28.29
C VAL B 306 10.33 -3.74 -28.54
N ALA B 307 9.87 -3.27 -29.69
CA ALA B 307 10.05 -1.88 -30.08
C ALA B 307 9.26 -0.96 -29.15
N TYR B 308 9.62 0.33 -29.19
CA TYR B 308 8.98 1.32 -28.33
C TYR B 308 7.46 1.36 -28.49
N PRO B 309 6.89 1.42 -29.69
CA PRO B 309 5.42 1.40 -29.78
C PRO B 309 4.81 0.06 -29.35
N GLU B 310 5.49 -1.05 -29.62
CA GLU B 310 4.98 -2.35 -29.21
C GLU B 310 4.98 -2.49 -27.68
N LEU B 311 5.99 -1.92 -27.02
CA LEU B 311 6.05 -1.96 -25.57
C LEU B 311 4.87 -1.23 -24.95
N LEU B 312 4.59 -0.01 -25.42
CA LEU B 312 3.47 0.74 -24.91
C LEU B 312 2.14 0.08 -25.24
N ARG B 313 2.03 -0.56 -26.40
CA ARG B 313 0.79 -1.23 -26.77
C ARG B 313 0.53 -2.41 -25.85
N ARG B 314 1.56 -3.16 -25.48
CA ARG B 314 1.38 -4.29 -24.58
C ARG B 314 1.06 -3.83 -23.17
N LEU B 315 1.59 -2.68 -22.75
CA LEU B 315 1.20 -2.13 -21.45
C LEU B 315 -0.29 -1.83 -21.40
N VAL B 316 -0.84 -1.29 -22.48
CA VAL B 316 -2.27 -0.98 -22.52
C VAL B 316 -3.10 -2.25 -22.56
N GLU B 317 -2.64 -3.26 -23.30
CA GLU B 317 -3.37 -4.52 -23.35
C GLU B 317 -3.35 -5.24 -22.01
N LEU B 318 -2.21 -5.20 -21.31
CA LEU B 318 -2.13 -5.82 -20.00
C LEU B 318 -3.07 -5.16 -19.00
N ALA B 319 -3.27 -3.84 -19.12
CA ALA B 319 -4.24 -3.16 -18.26
C ALA B 319 -5.65 -3.66 -18.51
N LEU B 320 -5.97 -4.02 -19.75
CA LEU B 320 -7.30 -4.50 -20.09
C LEU B 320 -7.50 -5.95 -19.70
N THR B 321 -6.47 -6.79 -19.85
CA THR B 321 -6.62 -8.20 -19.50
C THR B 321 -6.63 -8.44 -18.00
N HIS B 322 -6.07 -7.52 -17.20
CA HIS B 322 -6.20 -7.64 -15.75
C HIS B 322 -7.58 -7.21 -15.29
N HIS B 323 -8.08 -6.09 -15.81
CA HIS B 323 -9.38 -5.58 -15.39
C HIS B 323 -10.49 -6.58 -15.70
N HIS B 324 -10.42 -7.24 -16.87
CA HIS B 324 -11.41 -8.26 -17.20
C HIS B 324 -11.30 -9.46 -16.28
N HIS B 325 -10.10 -9.78 -15.80
CA HIS B 325 -9.92 -10.88 -14.86
C HIS B 325 -10.43 -10.53 -13.46
N HIS B 326 -10.64 -9.25 -13.18
CA HIS B 326 -11.12 -8.79 -11.88
C HIS B 326 -10.21 -9.26 -10.74
N DAL C . -13.15 -6.25 10.79
CA DAL C . -14.32 -6.09 11.64
CB DAL C . -14.95 -4.72 11.44
C DAL C . -13.95 -6.30 13.12
O DAL C . -12.92 -5.82 13.58
N DAL D . -14.82 -6.99 13.84
CA DAL D . -14.57 -7.31 15.25
CB DAL D . -15.48 -8.44 15.70
C DAL D . -14.77 -6.08 16.13
O DAL D . -14.41 -6.10 17.31
OXT DAL D . -15.28 -5.06 15.70
MG MG E . -9.43 -10.83 13.79
MG MG F . -9.28 -8.54 10.32
RB RB G . -6.77 -6.69 8.54
RB RB H . 5.31 -18.34 4.47
PG ATP I . -11.69 -9.42 12.03
O1G ATP I . -11.09 -8.60 10.92
O2G ATP I . -11.04 -9.21 13.39
O3G ATP I . -13.19 -9.41 12.06
PB ATP I . -10.70 -11.42 10.25
O1B ATP I . -11.85 -11.45 9.27
O2B ATP I . -9.48 -10.61 9.93
O3B ATP I . -11.33 -10.96 11.66
PA ATP I . -9.04 -13.53 11.32
O1A ATP I . -8.82 -12.68 12.56
O2A ATP I . -7.88 -13.78 10.39
O3A ATP I . -10.33 -12.97 10.51
O5' ATP I . -9.61 -14.95 11.82
C5' ATP I . -10.97 -15.02 12.24
C4' ATP I . -11.10 -16.07 13.34
O4' ATP I . -10.73 -17.36 12.85
C3' ATP I . -10.18 -15.78 14.49
O3' ATP I . -10.79 -14.94 15.47
C2' ATP I . -9.88 -17.16 15.05
O2' ATP I . -10.89 -17.51 15.99
C1' ATP I . -9.99 -18.07 13.85
N9 ATP I . -8.63 -18.34 13.32
C8 ATP I . -8.08 -17.71 12.27
N7 ATP I . -6.82 -18.17 12.02
C5 ATP I . -6.56 -19.10 12.95
C6 ATP I . -5.40 -19.98 13.26
N6 ATP I . -4.27 -19.93 12.52
N1 ATP I . -5.53 -20.82 14.31
C2 ATP I . -6.65 -20.87 15.06
N3 ATP I . -7.73 -20.11 14.82
C4 ATP I . -7.75 -19.22 13.80
N DAL J . 12.30 6.90 -10.77
CA DAL J . 12.80 7.49 -12.01
CB DAL J . 11.64 7.90 -12.90
C DAL J . 13.73 6.52 -12.75
O DAL J . 13.45 5.34 -12.84
N DAL K . 14.83 7.06 -13.27
CA DAL K . 15.81 6.27 -13.99
CB DAL K . 17.12 7.03 -14.13
C DAL K . 15.29 5.85 -15.36
O DAL K . 15.86 4.98 -16.01
OXT DAL K . 14.30 6.38 -15.86
MG MG L . 17.41 3.04 -8.77
MG MG M . 13.52 4.15 -7.42
RB RB N . 10.77 2.36 -5.94
RB RB O . 17.53 -4.92 8.54
PG ATP P . 15.52 5.60 -9.30
O1G ATP P . 14.17 5.45 -8.63
O2G ATP P . 16.04 4.35 -9.98
O3G ATP P . 15.65 6.85 -10.13
PB ATP P . 16.14 5.90 -6.55
O1B ATP P . 15.71 7.31 -6.27
O2B ATP P . 15.23 4.74 -6.22
O3B ATP P . 16.57 5.83 -8.10
PA ATP P . 18.23 4.28 -5.50
O1A ATP P . 18.04 3.41 -6.73
O2A ATP P . 17.81 3.77 -4.14
O3A ATP P . 17.55 5.72 -5.80
O5' ATP P . 19.76 4.72 -5.43
C5' ATP P . 20.22 5.73 -6.32
C4' ATP P . 21.71 5.56 -6.60
O4' ATP P . 22.45 5.64 -5.39
C3' ATP P . 22.00 4.18 -7.18
O3' ATP P . 21.96 4.19 -8.61
C2' ATP P . 23.39 3.88 -6.66
O2' ATP P . 24.36 4.37 -7.59
C1' ATP P . 23.51 4.67 -5.38
N9 ATP P . 23.32 3.75 -4.24
C8 ATP P . 22.20 3.63 -3.50
N7 ATP P . 22.35 2.70 -2.52
C5 ATP P . 23.59 2.20 -2.63
C6 ATP P . 24.39 1.19 -1.92
N6 ATP P . 23.89 0.50 -0.86
N1 ATP P . 25.65 0.97 -2.36
C2 ATP P . 26.17 1.63 -3.41
N3 ATP P . 25.50 2.57 -4.09
C4 ATP P . 24.23 2.89 -3.77
#